data_2QXL
#
_entry.id   2QXL
#
_cell.length_a   218.045
_cell.length_b   125.331
_cell.length_c   74.708
_cell.angle_alpha   90.000
_cell.angle_beta   98.670
_cell.angle_gamma   90.000
#
_symmetry.space_group_name_H-M   'C 1 2 1'
#
loop_
_entity.id
_entity.type
_entity.pdbx_description
1 polymer 'Heat shock protein homolog SSE1'
2 non-polymer 'MAGNESIUM ION'
3 non-polymer 'POTASSIUM ION'
4 non-polymer "ADENOSINE-5'-TRIPHOSPHATE"
5 water water
#
_entity_poly.entity_id   1
_entity_poly.type   'polypeptide(L)'
_entity_poly.pdbx_seq_one_letter_code
;STPFGLDLGNNNSVLAVARNRGIDIVVNEVSNRSTPSVVGFGPKNRYLGETGKNKQTSNIKNTVANLKRIIGLDYHHPDF
EQESKHFTSKLVELDDKKTGAEVRFAGEKHVFSATQLAAMFIDKVKDTVKQDTKANITDVCIAVPPWYTEEQRYNIADAA
RIAGLNPVRIVNDVTAAGVSYGIFKTDLPEGEEKPRIVAFVDIGHSSYTCSIMAFKKGQLKVLGTACDKHFGGRDFDLAI
TEHFADEFKTKYKIDIRENPKAYNRILTAAEKLKKVLSANTNAPFSVESVMNDVDVSSQLSREELEELVKPLLERVTEPV
TKALAQAKLSAEEVDFVEIIGGTTRIPTLKQSISEAFGKPLSTTLNQDEAIAKGAAFICAIHSPTLRVRPFKFEDIHPYS
VSYSWDKQVEDEDHMEVFPAGSSFPSTKLITLNRTGDFSMAASYTDITQLPPNTPEQIANWEITGVQLPEGQDSVPVKLK
LRCDPSGLHTIEEAYTIEDIEVEEPIPLPEDAPEDAEQEFKKVTKTVKKDDLTIVAHTFGLDAKKLNELIEKENEMLAQD
KLVAETEDRKNTLEEYIYTLRGKLEEEYAPFASDAEKTKLQGMLNKAEEWLYDEGFDSIKAKYIAKYEELASLGNIIRGR
YLAKEEEKKQAIRSKQEA
;
_entity_poly.pdbx_strand_id   A,B
#
loop_
_chem_comp.id
_chem_comp.type
_chem_comp.name
_chem_comp.formula
ATP non-polymer ADENOSINE-5'-TRIPHOSPHATE 'C10 H16 N5 O13 P3'
K non-polymer 'POTASSIUM ION' 'K 1'
MG non-polymer 'MAGNESIUM ION' 'Mg 2'
#
# COMPACT_ATOMS: atom_id res chain seq x y z
N THR A 2 -27.01 -8.55 -21.44
CA THR A 2 -25.76 -8.07 -22.10
C THR A 2 -24.82 -9.25 -22.42
N PRO A 3 -24.49 -9.43 -23.72
CA PRO A 3 -23.55 -10.45 -24.19
C PRO A 3 -22.16 -10.31 -23.53
N PHE A 4 -21.64 -11.43 -23.05
CA PHE A 4 -20.42 -11.47 -22.23
C PHE A 4 -19.43 -12.47 -22.80
N GLY A 5 -18.25 -11.98 -23.17
CA GLY A 5 -17.16 -12.82 -23.65
C GLY A 5 -16.08 -12.98 -22.59
N LEU A 6 -15.62 -14.22 -22.41
CA LEU A 6 -14.63 -14.53 -21.40
C LEU A 6 -13.46 -15.30 -22.01
N ASP A 7 -12.28 -14.70 -21.98
CA ASP A 7 -11.04 -15.42 -22.28
C ASP A 7 -10.43 -15.92 -20.96
N LEU A 8 -10.69 -17.18 -20.64
CA LEU A 8 -10.24 -17.75 -19.38
C LEU A 8 -8.79 -18.25 -19.52
N GLY A 9 -7.85 -17.41 -19.14
CA GLY A 9 -6.44 -17.72 -19.28
C GLY A 9 -5.87 -18.38 -18.05
N ASN A 10 -4.82 -19.18 -18.23
CA ASN A 10 -4.12 -19.81 -17.11
C ASN A 10 -3.55 -18.81 -16.09
N ASN A 11 -3.11 -17.66 -16.60
CA ASN A 11 -2.51 -16.60 -15.79
C ASN A 11 -3.54 -15.49 -15.50
N ASN A 12 -4.22 -15.00 -16.54
CA ASN A 12 -5.19 -13.94 -16.36
C ASN A 12 -6.38 -14.07 -17.32
N SER A 13 -7.53 -13.58 -16.88
CA SER A 13 -8.72 -13.60 -17.70
C SER A 13 -9.08 -12.20 -18.20
N VAL A 14 -9.55 -12.15 -19.45
CA VAL A 14 -9.99 -10.93 -20.08
C VAL A 14 -11.50 -10.98 -20.39
N LEU A 15 -12.20 -9.91 -19.99
CA LEU A 15 -13.65 -9.82 -20.08
C LEU A 15 -14.04 -8.82 -21.16
N ALA A 16 -15.06 -9.16 -21.95
CA ALA A 16 -15.54 -8.27 -22.98
C ALA A 16 -17.07 -8.30 -23.07
N VAL A 17 -17.67 -7.15 -23.36
CA VAL A 17 -19.12 -7.06 -23.55
C VAL A 17 -19.47 -6.36 -24.84
N ALA A 18 -20.52 -6.83 -25.49
CA ALA A 18 -21.05 -6.18 -26.68
C ALA A 18 -22.11 -5.16 -26.25
N ARG A 19 -21.82 -3.88 -26.51
CA ARG A 19 -22.71 -2.77 -26.16
C ARG A 19 -22.44 -1.56 -27.05
N ASN A 20 -23.49 -0.80 -27.35
CA ASN A 20 -23.42 0.39 -28.21
C ASN A 20 -23.09 0.04 -29.65
N ARG A 21 -22.02 0.65 -30.17
CA ARG A 21 -21.52 0.35 -31.51
C ARG A 21 -20.87 -1.04 -31.54
N GLY A 22 -19.93 -1.27 -30.62
CA GLY A 22 -19.16 -2.50 -30.61
C GLY A 22 -18.83 -3.06 -29.25
N ILE A 23 -17.60 -3.55 -29.12
CA ILE A 23 -17.20 -4.43 -28.02
C ILE A 23 -16.12 -3.79 -27.14
N ASP A 24 -16.40 -3.72 -25.84
CA ASP A 24 -15.51 -3.10 -24.85
C ASP A 24 -14.89 -4.12 -23.91
N ILE A 25 -13.64 -3.90 -23.54
CA ILE A 25 -13.02 -4.60 -22.42
C ILE A 25 -13.63 -4.05 -21.12
N VAL A 26 -13.95 -4.95 -20.20
CA VAL A 26 -14.42 -4.61 -18.87
C VAL A 26 -13.25 -4.66 -17.89
N VAL A 27 -12.99 -3.54 -17.20
CA VAL A 27 -11.93 -3.48 -16.18
C VAL A 27 -12.42 -4.05 -14.84
N ASN A 28 -11.50 -4.54 -14.01
CA ASN A 28 -11.86 -5.00 -12.65
C ASN A 28 -11.92 -3.89 -11.58
N GLU A 29 -12.10 -4.28 -10.32
CA GLU A 29 -12.29 -3.34 -9.20
C GLU A 29 -11.08 -2.46 -8.91
N VAL A 30 -9.88 -2.88 -9.32
CA VAL A 30 -8.70 -2.01 -9.26
C VAL A 30 -8.31 -1.44 -10.65
N SER A 31 -9.29 -1.46 -11.58
CA SER A 31 -9.17 -0.84 -12.90
C SER A 31 -8.19 -1.54 -13.85
N ASN A 32 -7.97 -2.82 -13.64
CA ASN A 32 -7.13 -3.62 -14.53
C ASN A 32 -7.91 -4.27 -15.67
N ARG A 33 -7.26 -4.36 -16.81
CA ARG A 33 -7.87 -4.87 -18.04
C ARG A 33 -7.83 -6.39 -18.15
N SER A 34 -7.10 -7.02 -17.22
CA SER A 34 -7.16 -8.46 -17.01
C SER A 34 -7.26 -8.74 -15.51
N THR A 35 -7.73 -9.95 -15.16
CA THR A 35 -7.90 -10.35 -13.78
C THR A 35 -7.13 -11.67 -13.57
N PRO A 36 -6.23 -11.72 -12.56
CA PRO A 36 -5.50 -12.96 -12.28
C PRO A 36 -6.45 -14.15 -12.09
N SER A 37 -6.13 -15.28 -12.73
CA SER A 37 -6.99 -16.45 -12.71
C SER A 37 -6.71 -17.30 -11.46
N VAL A 38 -7.05 -16.75 -10.30
CA VAL A 38 -6.66 -17.31 -9.02
C VAL A 38 -7.87 -17.35 -8.09
N VAL A 39 -7.90 -18.38 -7.26
CA VAL A 39 -8.95 -18.59 -6.28
C VAL A 39 -8.27 -18.92 -4.94
N GLY A 40 -8.43 -18.03 -3.96
CA GLY A 40 -7.89 -18.27 -2.62
C GLY A 40 -8.96 -18.42 -1.57
N PHE A 41 -8.60 -19.04 -0.45
CA PHE A 41 -9.54 -19.29 0.64
C PHE A 41 -9.02 -18.76 1.96
N GLY A 42 -9.89 -18.07 2.70
CA GLY A 42 -9.55 -17.56 4.01
C GLY A 42 -10.44 -18.07 5.13
N PRO A 43 -10.20 -17.59 6.36
CA PRO A 43 -11.03 -17.96 7.53
C PRO A 43 -12.47 -17.40 7.50
N LYS A 44 -12.70 -16.35 6.73
CA LYS A 44 -14.03 -15.71 6.71
C LYS A 44 -14.71 -15.71 5.34
N ASN A 45 -13.91 -15.84 4.28
CA ASN A 45 -14.38 -15.65 2.91
C ASN A 45 -13.34 -16.16 1.87
N ARG A 46 -13.70 -16.09 0.60
CA ARG A 46 -12.78 -16.43 -0.48
C ARG A 46 -12.07 -15.19 -1.01
N TYR A 47 -10.90 -15.41 -1.59
CA TYR A 47 -10.12 -14.36 -2.24
C TYR A 47 -10.06 -14.67 -3.72
N LEU A 48 -10.94 -14.03 -4.47
CA LEU A 48 -11.14 -14.34 -5.87
C LEU A 48 -10.55 -13.27 -6.77
N GLY A 49 -9.69 -13.69 -7.69
CA GLY A 49 -9.12 -12.80 -8.68
C GLY A 49 -7.98 -12.02 -8.07
N GLU A 50 -8.05 -10.71 -8.23
CA GLU A 50 -7.04 -9.75 -7.76
C GLU A 50 -6.57 -9.97 -6.30
N THR A 51 -7.50 -10.07 -5.35
CA THR A 51 -7.12 -10.26 -3.93
C THR A 51 -6.55 -11.69 -3.68
N GLY A 52 -7.04 -12.66 -4.43
CA GLY A 52 -6.46 -14.01 -4.44
C GLY A 52 -4.98 -14.03 -4.79
N LYS A 53 -4.63 -13.33 -5.87
CA LYS A 53 -3.24 -13.17 -6.33
C LYS A 53 -2.36 -12.38 -5.36
N ASN A 54 -2.88 -11.31 -4.76
CA ASN A 54 -2.10 -10.53 -3.77
C ASN A 54 -1.68 -11.37 -2.55
N LYS A 55 -2.52 -12.33 -2.16
CA LYS A 55 -2.28 -13.13 -0.97
C LYS A 55 -1.62 -14.46 -1.31
N GLN A 56 -1.10 -14.59 -2.54
CA GLN A 56 -0.62 -15.89 -3.00
C GLN A 56 0.60 -16.40 -2.23
N THR A 57 1.41 -15.51 -1.71
CA THR A 57 2.59 -15.95 -0.97
C THR A 57 2.21 -16.16 0.50
N SER A 58 1.53 -15.18 1.08
CA SER A 58 1.14 -15.27 2.47
C SER A 58 0.11 -16.38 2.74
N ASN A 59 -0.79 -16.63 1.78
CA ASN A 59 -1.81 -17.69 1.85
C ASN A 59 -1.47 -18.90 0.93
N ILE A 60 -0.17 -19.17 0.75
CA ILE A 60 0.34 -20.11 -0.26
C ILE A 60 -0.41 -21.45 -0.38
N LYS A 61 -0.72 -22.10 0.74
CA LYS A 61 -1.27 -23.47 0.70
C LYS A 61 -2.75 -23.48 0.35
N ASN A 62 -3.39 -22.32 0.37
CA ASN A 62 -4.83 -22.23 0.16
C ASN A 62 -5.21 -21.41 -1.07
N THR A 63 -4.23 -21.19 -1.93
CA THR A 63 -4.37 -20.47 -3.18
C THR A 63 -4.32 -21.48 -4.33
N VAL A 64 -5.39 -21.51 -5.14
CA VAL A 64 -5.48 -22.41 -6.29
C VAL A 64 -5.42 -21.60 -7.58
N ALA A 65 -4.44 -21.92 -8.43
CA ALA A 65 -4.34 -21.31 -9.76
C ALA A 65 -4.37 -22.47 -10.76
N ASN A 66 -3.89 -22.25 -11.99
CA ASN A 66 -4.00 -23.24 -13.07
C ASN A 66 -5.38 -23.89 -13.20
N LEU A 67 -6.42 -23.08 -13.15
CA LEU A 67 -7.79 -23.57 -13.01
C LEU A 67 -8.27 -24.35 -14.23
N LYS A 68 -7.94 -23.83 -15.41
CA LYS A 68 -8.31 -24.45 -16.67
C LYS A 68 -7.55 -25.73 -16.96
N ARG A 69 -6.43 -25.95 -16.26
CA ARG A 69 -5.55 -27.11 -16.51
C ARG A 69 -6.03 -28.39 -15.81
N ILE A 70 -6.61 -28.23 -14.63
CA ILE A 70 -7.12 -29.37 -13.86
C ILE A 70 -8.55 -29.76 -14.22
N ILE A 71 -9.23 -28.90 -14.99
CA ILE A 71 -10.56 -29.21 -15.52
C ILE A 71 -10.47 -30.55 -16.30
N GLY A 72 -11.32 -31.51 -15.94
CA GLY A 72 -11.34 -32.81 -16.59
C GLY A 72 -10.08 -33.67 -16.44
N LEU A 73 -9.22 -33.33 -15.47
CA LEU A 73 -7.93 -34.04 -15.30
C LEU A 73 -8.05 -35.30 -14.44
N ASP A 74 -7.93 -36.46 -15.10
CA ASP A 74 -7.85 -37.76 -14.41
C ASP A 74 -6.64 -37.67 -13.46
N TYR A 75 -6.86 -38.04 -12.21
CA TYR A 75 -5.80 -38.03 -11.22
C TYR A 75 -4.57 -38.88 -11.61
N HIS A 76 -4.80 -39.92 -12.41
CA HIS A 76 -3.72 -40.75 -12.97
C HIS A 76 -3.41 -40.49 -14.44
N HIS A 77 -3.72 -39.29 -14.91
CA HIS A 77 -3.31 -38.85 -16.23
C HIS A 77 -1.77 -38.91 -16.29
N PRO A 78 -1.21 -39.37 -17.43
CA PRO A 78 0.25 -39.48 -17.51
C PRO A 78 0.98 -38.11 -17.49
N ASP A 79 0.25 -37.04 -17.76
CA ASP A 79 0.79 -35.70 -17.62
C ASP A 79 0.47 -35.07 -16.26
N PHE A 80 -0.03 -35.86 -15.32
CA PHE A 80 -0.43 -35.29 -14.02
C PHE A 80 0.66 -34.43 -13.39
N GLU A 81 1.89 -34.93 -13.40
CA GLU A 81 2.99 -34.29 -12.70
C GLU A 81 3.51 -33.03 -13.40
N GLN A 82 3.39 -32.98 -14.72
CA GLN A 82 3.65 -31.74 -15.46
C GLN A 82 2.68 -30.62 -15.07
N GLU A 83 1.46 -30.97 -14.69
CA GLU A 83 0.48 -30.00 -14.20
C GLU A 83 0.68 -29.71 -12.72
N SER A 84 0.98 -30.78 -11.99
CA SER A 84 1.07 -30.77 -10.55
C SER A 84 2.16 -29.84 -10.02
N LYS A 85 3.29 -29.78 -10.73
CA LYS A 85 4.44 -29.04 -10.27
C LYS A 85 4.21 -27.53 -10.27
N HIS A 86 3.14 -27.08 -10.94
CA HIS A 86 2.75 -25.68 -10.95
C HIS A 86 1.74 -25.33 -9.88
N PHE A 87 1.38 -26.31 -9.05
CA PHE A 87 0.46 -26.08 -7.93
C PHE A 87 1.18 -25.87 -6.63
N THR A 88 0.53 -25.09 -5.77
CA THR A 88 1.11 -24.69 -4.53
C THR A 88 0.23 -25.22 -3.39
N SER A 89 -1.03 -25.48 -3.73
CA SER A 89 -1.96 -26.16 -2.85
C SER A 89 -1.98 -27.66 -3.16
N LYS A 90 -2.55 -28.43 -2.24
CA LYS A 90 -2.65 -29.86 -2.33
C LYS A 90 -3.74 -30.30 -3.30
N LEU A 91 -3.38 -31.16 -4.25
CA LEU A 91 -4.31 -31.76 -5.19
C LEU A 91 -4.69 -33.15 -4.71
N VAL A 92 -5.97 -33.50 -4.81
CA VAL A 92 -6.47 -34.78 -4.31
C VAL A 92 -7.34 -35.50 -5.35
N GLU A 93 -7.45 -36.81 -5.18
CA GLU A 93 -8.30 -37.62 -6.04
C GLU A 93 -9.74 -37.56 -5.58
N LEU A 94 -10.66 -37.40 -6.53
CA LEU A 94 -12.09 -37.37 -6.24
C LEU A 94 -12.73 -38.74 -6.48
N ASP A 95 -14.00 -38.88 -6.08
CA ASP A 95 -14.77 -40.13 -6.30
C ASP A 95 -14.81 -40.54 -7.77
N ASP A 96 -14.87 -39.55 -8.66
CA ASP A 96 -14.98 -39.80 -10.10
C ASP A 96 -13.64 -40.00 -10.77
N LYS A 97 -12.57 -39.99 -9.98
CA LYS A 97 -11.19 -40.26 -10.41
C LYS A 97 -10.51 -39.02 -11.01
N LYS A 98 -11.20 -37.89 -10.94
CA LYS A 98 -10.66 -36.61 -11.36
C LYS A 98 -9.92 -35.95 -10.19
N THR A 99 -9.54 -34.70 -10.40
CA THR A 99 -8.63 -33.97 -9.53
C THR A 99 -9.35 -32.80 -8.84
N GLY A 100 -9.20 -32.72 -7.52
CA GLY A 100 -9.71 -31.59 -6.78
C GLY A 100 -8.59 -30.93 -6.00
N ALA A 101 -8.93 -29.89 -5.24
CA ALA A 101 -7.98 -29.23 -4.37
C ALA A 101 -8.48 -29.31 -2.94
N GLU A 102 -7.55 -29.53 -2.01
CA GLU A 102 -7.81 -29.52 -0.58
C GLU A 102 -7.26 -28.23 0.03
N VAL A 103 -8.14 -27.50 0.70
CA VAL A 103 -7.82 -26.19 1.26
C VAL A 103 -8.35 -26.01 2.69
N ARG A 104 -7.74 -25.08 3.43
CA ARG A 104 -8.31 -24.57 4.66
C ARG A 104 -9.23 -23.42 4.26
N PHE A 105 -10.52 -23.55 4.59
CA PHE A 105 -11.51 -22.56 4.24
C PHE A 105 -12.53 -22.47 5.35
N ALA A 106 -12.72 -21.27 5.88
CA ALA A 106 -13.69 -21.03 6.94
C ALA A 106 -13.42 -21.89 8.19
N GLY A 107 -12.14 -22.01 8.55
CA GLY A 107 -11.74 -22.77 9.72
C GLY A 107 -11.82 -24.28 9.59
N GLU A 108 -11.98 -24.78 8.36
CA GLU A 108 -12.13 -26.21 8.11
C GLU A 108 -11.46 -26.65 6.81
N LYS A 109 -11.14 -27.94 6.75
CA LYS A 109 -10.63 -28.59 5.56
C LYS A 109 -11.78 -28.80 4.57
N HIS A 110 -11.55 -28.41 3.31
CA HIS A 110 -12.55 -28.55 2.26
C HIS A 110 -11.94 -29.13 1.00
N VAL A 111 -12.70 -29.98 0.31
CA VAL A 111 -12.29 -30.46 -1.01
C VAL A 111 -13.25 -29.93 -2.07
N PHE A 112 -12.71 -29.22 -3.05
CA PHE A 112 -13.47 -28.74 -4.21
C PHE A 112 -12.96 -29.36 -5.50
N SER A 113 -13.89 -29.72 -6.38
CA SER A 113 -13.51 -30.24 -7.69
C SER A 113 -13.06 -29.11 -8.63
N ALA A 114 -12.40 -29.46 -9.72
CA ALA A 114 -11.92 -28.49 -10.69
C ALA A 114 -13.08 -27.69 -11.30
N THR A 115 -14.23 -28.34 -11.45
CA THR A 115 -15.44 -27.71 -11.97
C THR A 115 -16.00 -26.67 -11.00
N GLN A 116 -16.03 -26.97 -9.71
CA GLN A 116 -16.40 -25.99 -8.68
C GLN A 116 -15.45 -24.80 -8.63
N LEU A 117 -14.14 -25.07 -8.64
CA LEU A 117 -13.15 -24.01 -8.52
C LEU A 117 -13.24 -23.03 -9.68
N ALA A 118 -13.41 -23.56 -10.89
CA ALA A 118 -13.67 -22.76 -12.09
C ALA A 118 -14.93 -21.87 -11.96
N ALA A 119 -16.01 -22.45 -11.43
CA ALA A 119 -17.27 -21.73 -11.20
C ALA A 119 -17.12 -20.55 -10.23
N MET A 120 -16.29 -20.73 -9.20
CA MET A 120 -16.01 -19.70 -8.20
C MET A 120 -15.40 -18.47 -8.88
N PHE A 121 -14.42 -18.71 -9.75
CA PHE A 121 -13.77 -17.66 -10.51
C PHE A 121 -14.71 -17.03 -11.57
N ILE A 122 -15.44 -17.87 -12.31
CA ILE A 122 -16.42 -17.35 -13.27
C ILE A 122 -17.45 -16.43 -12.59
N ASP A 123 -17.93 -16.84 -11.40
CA ASP A 123 -18.87 -16.06 -10.62
C ASP A 123 -18.27 -14.70 -10.21
N LYS A 124 -16.98 -14.73 -9.87
CA LYS A 124 -16.25 -13.51 -9.56
C LYS A 124 -16.23 -12.54 -10.73
N VAL A 125 -15.88 -13.02 -11.93
CA VAL A 125 -15.80 -12.13 -13.09
C VAL A 125 -17.20 -11.71 -13.59
N LYS A 126 -18.19 -12.57 -13.40
CA LYS A 126 -19.60 -12.24 -13.64
C LYS A 126 -20.03 -11.02 -12.80
N ASP A 127 -19.68 -11.04 -11.51
CA ASP A 127 -19.97 -9.93 -10.60
C ASP A 127 -19.24 -8.64 -11.03
N THR A 128 -18.06 -8.80 -11.62
CA THR A 128 -17.26 -7.69 -12.14
C THR A 128 -17.93 -7.02 -13.34
N VAL A 129 -18.52 -7.82 -14.22
CA VAL A 129 -19.26 -7.32 -15.38
C VAL A 129 -20.57 -6.64 -14.95
N LYS A 130 -21.24 -7.20 -13.95
CA LYS A 130 -22.45 -6.61 -13.36
C LYS A 130 -22.21 -5.24 -12.73
N GLN A 131 -21.13 -5.10 -11.97
CA GLN A 131 -20.77 -3.81 -11.36
C GLN A 131 -20.37 -2.75 -12.39
N ASP A 132 -19.95 -3.19 -13.58
CA ASP A 132 -19.52 -2.29 -14.65
C ASP A 132 -20.70 -1.86 -15.54
N THR A 133 -21.47 -2.84 -15.99
CA THR A 133 -22.59 -2.60 -16.91
C THR A 133 -23.84 -2.13 -16.17
N LYS A 134 -23.90 -2.43 -14.87
CA LYS A 134 -25.09 -2.21 -14.03
C LYS A 134 -26.28 -3.05 -14.52
N ALA A 135 -25.98 -4.01 -15.39
CA ALA A 135 -27.01 -4.84 -16.01
C ALA A 135 -27.05 -6.26 -15.45
N ASN A 136 -28.13 -6.95 -15.77
CA ASN A 136 -28.28 -8.37 -15.52
C ASN A 136 -27.36 -9.12 -16.48
N ILE A 137 -26.53 -10.01 -15.96
CA ILE A 137 -25.65 -10.83 -16.81
C ILE A 137 -26.11 -12.30 -16.81
N THR A 138 -26.41 -12.80 -18.01
CA THR A 138 -27.15 -14.07 -18.15
C THR A 138 -26.48 -15.13 -19.05
N ASP A 139 -25.78 -14.68 -20.09
CA ASP A 139 -25.16 -15.57 -21.09
C ASP A 139 -23.66 -15.30 -21.19
N VAL A 140 -22.88 -16.34 -21.46
CA VAL A 140 -21.43 -16.23 -21.65
C VAL A 140 -20.97 -17.05 -22.84
N CYS A 141 -20.02 -16.51 -23.59
CA CYS A 141 -19.19 -17.32 -24.47
C CYS A 141 -17.78 -17.40 -23.86
N ILE A 142 -17.30 -18.63 -23.67
CA ILE A 142 -16.01 -18.89 -23.06
C ILE A 142 -15.02 -19.45 -24.08
N ALA A 143 -13.88 -18.78 -24.19
CA ALA A 143 -12.80 -19.23 -25.04
C ALA A 143 -11.88 -20.21 -24.29
N VAL A 144 -11.60 -21.33 -24.95
CA VAL A 144 -10.75 -22.37 -24.38
C VAL A 144 -9.68 -22.78 -25.40
N PRO A 145 -8.55 -23.34 -24.95
CA PRO A 145 -7.54 -23.84 -25.88
C PRO A 145 -8.09 -24.98 -26.75
N PRO A 146 -7.64 -25.06 -28.02
CA PRO A 146 -8.21 -26.09 -28.89
C PRO A 146 -7.96 -27.52 -28.43
N TRP A 147 -6.93 -27.74 -27.61
CA TRP A 147 -6.61 -29.08 -27.12
C TRP A 147 -7.61 -29.61 -26.09
N TYR A 148 -8.53 -28.75 -25.66
CA TYR A 148 -9.60 -29.12 -24.73
C TYR A 148 -10.40 -30.29 -25.25
N THR A 149 -10.54 -31.33 -24.42
CA THR A 149 -11.28 -32.52 -24.83
C THR A 149 -12.78 -32.21 -24.80
N GLU A 150 -13.58 -33.09 -25.39
CA GLU A 150 -15.03 -32.96 -25.32
C GLU A 150 -15.52 -32.89 -23.87
N GLU A 151 -14.96 -33.75 -23.01
CA GLU A 151 -15.26 -33.78 -21.59
C GLU A 151 -14.97 -32.43 -20.92
N GLN A 152 -13.79 -31.89 -21.18
CA GLN A 152 -13.37 -30.60 -20.62
C GLN A 152 -14.29 -29.47 -21.07
N ARG A 153 -14.80 -29.57 -22.30
CA ARG A 153 -15.73 -28.58 -22.86
C ARG A 153 -17.08 -28.63 -22.15
N TYR A 154 -17.53 -29.83 -21.80
CA TYR A 154 -18.71 -30.01 -20.97
C TYR A 154 -18.51 -29.49 -19.55
N ASN A 155 -17.31 -29.70 -18.99
CA ASN A 155 -17.00 -29.34 -17.61
C ASN A 155 -16.98 -27.84 -17.42
N ILE A 156 -16.29 -27.14 -18.32
CA ILE A 156 -16.21 -25.70 -18.24
C ILE A 156 -17.60 -25.06 -18.45
N ALA A 157 -18.38 -25.63 -19.39
CA ALA A 157 -19.77 -25.23 -19.61
C ALA A 157 -20.62 -25.37 -18.34
N ASP A 158 -20.43 -26.47 -17.62
CA ASP A 158 -21.13 -26.69 -16.36
C ASP A 158 -20.64 -25.77 -15.25
N ALA A 159 -19.35 -25.44 -15.26
CA ALA A 159 -18.83 -24.42 -14.36
C ALA A 159 -19.54 -23.09 -14.57
N ALA A 160 -19.75 -22.72 -15.84
CA ALA A 160 -20.55 -21.52 -16.16
C ALA A 160 -21.96 -21.61 -15.56
N ARG A 161 -22.61 -22.75 -15.72
CA ARG A 161 -23.95 -22.97 -15.17
C ARG A 161 -24.01 -22.87 -13.64
N ILE A 162 -22.98 -23.38 -12.98
CA ILE A 162 -22.84 -23.21 -11.54
C ILE A 162 -22.68 -21.73 -11.16
N ALA A 163 -21.93 -20.97 -11.97
CA ALA A 163 -21.83 -19.51 -11.78
C ALA A 163 -23.13 -18.76 -12.18
N GLY A 164 -24.18 -19.53 -12.47
CA GLY A 164 -25.49 -18.97 -12.81
C GLY A 164 -25.54 -18.35 -14.19
N LEU A 165 -24.68 -18.82 -15.09
CA LEU A 165 -24.61 -18.30 -16.44
C LEU A 165 -24.97 -19.35 -17.48
N ASN A 166 -25.51 -18.91 -18.62
CA ASN A 166 -25.83 -19.80 -19.73
C ASN A 166 -24.72 -19.78 -20.78
N PRO A 167 -23.98 -20.91 -20.91
CA PRO A 167 -22.89 -20.95 -21.88
C PRO A 167 -23.42 -21.17 -23.29
N VAL A 168 -23.51 -20.10 -24.08
CA VAL A 168 -24.11 -20.18 -25.42
C VAL A 168 -23.20 -20.94 -26.40
N ARG A 169 -21.89 -20.77 -26.21
CA ARG A 169 -20.87 -21.49 -26.95
C ARG A 169 -19.54 -21.53 -26.17
N ILE A 170 -18.91 -22.69 -26.18
CA ILE A 170 -17.53 -22.84 -25.73
C ILE A 170 -16.69 -22.85 -26.99
N VAL A 171 -16.03 -21.73 -27.26
CA VAL A 171 -15.31 -21.57 -28.53
C VAL A 171 -13.82 -21.83 -28.35
N ASN A 172 -13.14 -22.27 -29.41
CA ASN A 172 -11.68 -22.39 -29.39
C ASN A 172 -11.10 -20.98 -29.38
N ASP A 173 -10.04 -20.77 -28.60
CA ASP A 173 -9.57 -19.40 -28.38
C ASP A 173 -9.03 -18.73 -29.64
N VAL A 174 -8.18 -19.43 -30.39
CA VAL A 174 -7.59 -18.85 -31.60
C VAL A 174 -8.63 -18.63 -32.71
N THR A 175 -9.69 -19.44 -32.73
CA THR A 175 -10.82 -19.23 -33.62
C THR A 175 -11.59 -17.94 -33.28
N ALA A 176 -11.80 -17.70 -31.98
CA ALA A 176 -12.42 -16.46 -31.50
C ALA A 176 -11.63 -15.22 -31.92
N ALA A 177 -10.30 -15.34 -31.90
CA ALA A 177 -9.39 -14.29 -32.35
C ALA A 177 -9.44 -14.10 -33.86
N GLY A 178 -9.59 -15.21 -34.60
CA GLY A 178 -9.76 -15.16 -36.07
C GLY A 178 -11.01 -14.40 -36.47
N VAL A 179 -12.07 -14.57 -35.70
CA VAL A 179 -13.29 -13.79 -35.84
C VAL A 179 -13.01 -12.28 -35.67
N SER A 180 -12.26 -11.91 -34.63
CA SER A 180 -11.87 -10.52 -34.38
C SER A 180 -11.08 -9.90 -35.53
N TYR A 181 -10.24 -10.72 -36.18
CA TYR A 181 -9.50 -10.33 -37.38
C TYR A 181 -10.47 -10.15 -38.55
N GLY A 182 -11.41 -11.08 -38.68
CA GLY A 182 -12.41 -11.06 -39.74
C GLY A 182 -13.35 -9.86 -39.71
N ILE A 183 -13.87 -9.53 -38.52
CA ILE A 183 -14.80 -8.41 -38.37
C ILE A 183 -14.09 -7.04 -38.41
N PHE A 184 -12.77 -7.07 -38.26
CA PHE A 184 -11.97 -5.85 -38.27
C PHE A 184 -11.48 -5.46 -39.67
N LYS A 185 -10.95 -6.44 -40.40
CA LYS A 185 -10.40 -6.19 -41.74
C LYS A 185 -11.49 -5.93 -42.78
N THR A 186 -11.34 -4.85 -43.52
CA THR A 186 -12.33 -4.45 -44.54
C THR A 186 -11.77 -4.49 -45.97
N ASP A 187 -10.67 -5.22 -46.15
CA ASP A 187 -10.01 -5.35 -47.46
C ASP A 187 -9.85 -6.83 -47.88
N LEU A 188 -10.75 -7.69 -47.39
CA LEU A 188 -10.67 -9.13 -47.63
C LEU A 188 -11.11 -9.51 -49.06
N PRO A 189 -10.55 -10.62 -49.60
CA PRO A 189 -10.95 -11.11 -50.94
C PRO A 189 -12.43 -11.49 -51.02
N GLU A 190 -13.02 -11.30 -52.21
CA GLU A 190 -14.46 -11.52 -52.44
C GLU A 190 -14.74 -12.36 -53.68
N GLY A 191 -15.88 -13.04 -53.67
CA GLY A 191 -16.36 -13.80 -54.83
C GLY A 191 -15.38 -14.84 -55.36
N GLU A 192 -15.10 -14.75 -56.68
CA GLU A 192 -14.23 -15.72 -57.41
C GLU A 192 -12.77 -15.82 -56.87
N GLU A 193 -12.32 -14.67 -56.26
CA GLU A 193 -10.97 -14.57 -55.68
C GLU A 193 -10.66 -15.71 -54.71
N LYS A 194 -9.35 -16.07 -54.71
CA LYS A 194 -8.78 -17.01 -53.74
C LYS A 194 -8.83 -16.37 -52.36
N PRO A 195 -9.06 -17.21 -51.31
CA PRO A 195 -9.09 -16.68 -49.93
C PRO A 195 -7.72 -16.16 -49.48
N ARG A 196 -7.77 -15.25 -48.45
CA ARG A 196 -6.54 -14.82 -47.78
C ARG A 196 -6.19 -15.89 -46.74
N ILE A 197 -4.95 -16.39 -46.81
CA ILE A 197 -4.48 -17.39 -45.85
C ILE A 197 -3.72 -16.70 -44.71
N VAL A 198 -4.25 -16.81 -43.49
CA VAL A 198 -3.63 -16.24 -42.30
C VAL A 198 -3.29 -17.31 -41.28
N ALA A 199 -2.03 -17.30 -40.82
CA ALA A 199 -1.57 -18.16 -39.75
C ALA A 199 -1.58 -17.39 -38.42
N PHE A 200 -2.16 -17.99 -37.39
CA PHE A 200 -2.19 -17.39 -36.05
C PHE A 200 -1.35 -18.19 -35.09
N VAL A 201 -0.42 -17.52 -34.43
CA VAL A 201 0.36 -18.13 -33.35
C VAL A 201 0.01 -17.44 -32.02
N ASP A 202 -0.55 -18.22 -31.10
CA ASP A 202 -0.88 -17.78 -29.76
C ASP A 202 -0.02 -18.55 -28.78
N ILE A 203 0.90 -17.85 -28.11
CA ILE A 203 1.67 -18.45 -27.02
C ILE A 203 1.42 -17.66 -25.74
N GLY A 204 0.83 -18.31 -24.75
CA GLY A 204 0.47 -17.67 -23.51
C GLY A 204 1.30 -18.15 -22.34
N HIS A 205 0.63 -18.26 -21.19
CA HIS A 205 1.25 -18.69 -19.95
C HIS A 205 1.55 -20.19 -19.96
N SER A 206 0.65 -20.99 -20.55
CA SER A 206 0.83 -22.43 -20.52
C SER A 206 0.75 -23.15 -21.88
N SER A 207 0.06 -22.55 -22.85
CA SER A 207 -0.20 -23.18 -24.13
C SER A 207 0.38 -22.44 -25.35
N TYR A 208 0.75 -23.22 -26.36
CA TYR A 208 1.24 -22.72 -27.64
C TYR A 208 0.40 -23.30 -28.76
N THR A 209 -0.38 -22.45 -29.42
CA THR A 209 -1.26 -22.87 -30.52
C THR A 209 -0.91 -22.19 -31.84
N CYS A 210 -0.93 -22.97 -32.92
CA CYS A 210 -0.88 -22.43 -34.28
C CYS A 210 -2.09 -22.87 -35.07
N SER A 211 -2.83 -21.89 -35.61
CA SER A 211 -4.04 -22.16 -36.38
C SER A 211 -4.03 -21.44 -37.73
N ILE A 212 -4.26 -22.19 -38.80
CA ILE A 212 -4.29 -21.67 -40.17
C ILE A 212 -5.74 -21.49 -40.66
N MET A 213 -6.07 -20.28 -41.12
CA MET A 213 -7.45 -19.97 -41.53
C MET A 213 -7.54 -19.30 -42.91
N ALA A 214 -8.58 -19.67 -43.65
CA ALA A 214 -8.89 -19.08 -44.96
C ALA A 214 -9.92 -17.97 -44.79
N PHE A 215 -9.62 -16.79 -45.33
CA PHE A 215 -10.45 -15.61 -45.14
C PHE A 215 -11.06 -15.06 -46.43
N LYS A 216 -12.37 -14.95 -46.43
CA LYS A 216 -13.08 -14.15 -47.42
C LYS A 216 -13.85 -13.09 -46.65
N LYS A 217 -14.40 -12.11 -47.36
CA LYS A 217 -15.19 -11.07 -46.73
C LYS A 217 -16.45 -11.67 -46.07
N GLY A 218 -16.50 -11.54 -44.75
CA GLY A 218 -17.65 -12.01 -43.96
C GLY A 218 -17.63 -13.49 -43.56
N GLN A 219 -16.48 -14.14 -43.72
CA GLN A 219 -16.34 -15.56 -43.43
C GLN A 219 -14.90 -16.00 -43.18
N LEU A 220 -14.77 -17.06 -42.38
CA LEU A 220 -13.49 -17.74 -42.20
C LEU A 220 -13.68 -19.25 -42.11
N LYS A 221 -12.65 -19.97 -42.53
CA LYS A 221 -12.61 -21.42 -42.35
C LYS A 221 -11.26 -21.83 -41.77
N VAL A 222 -11.28 -22.55 -40.65
CA VAL A 222 -10.05 -23.11 -40.09
C VAL A 222 -9.61 -24.30 -40.94
N LEU A 223 -8.37 -24.25 -41.41
CA LEU A 223 -7.80 -25.27 -42.28
C LEU A 223 -6.92 -26.24 -41.50
N GLY A 224 -6.35 -25.76 -40.39
CA GLY A 224 -5.50 -26.59 -39.54
C GLY A 224 -5.17 -25.94 -38.20
N THR A 225 -5.19 -26.76 -37.15
CA THR A 225 -4.85 -26.32 -35.79
C THR A 225 -3.92 -27.34 -35.15
N ALA A 226 -2.86 -26.86 -34.51
CA ALA A 226 -1.93 -27.71 -33.76
C ALA A 226 -1.53 -27.01 -32.46
N CYS A 227 -1.40 -27.79 -31.38
CA CYS A 227 -1.12 -27.27 -30.06
C CYS A 227 0.06 -27.95 -29.37
N ASP A 228 0.80 -27.19 -28.57
CA ASP A 228 1.70 -27.76 -27.59
C ASP A 228 1.24 -27.26 -26.23
N LYS A 229 0.50 -28.10 -25.49
CA LYS A 229 -0.10 -27.70 -24.21
C LYS A 229 0.91 -27.58 -23.07
N HIS A 230 2.15 -27.98 -23.33
CA HIS A 230 3.23 -27.84 -22.36
C HIS A 230 4.28 -26.82 -22.85
N PHE A 231 3.81 -25.72 -23.44
CA PHE A 231 4.70 -24.71 -23.98
C PHE A 231 4.11 -23.33 -23.70
N GLY A 232 4.71 -22.60 -22.76
CA GLY A 232 4.25 -21.28 -22.44
C GLY A 232 5.16 -20.57 -21.45
N GLY A 233 4.74 -19.37 -21.05
CA GLY A 233 5.51 -18.55 -20.11
C GLY A 233 5.92 -19.19 -18.81
N ARG A 234 5.06 -20.03 -18.23
CA ARG A 234 5.32 -20.60 -16.91
C ARG A 234 6.53 -21.51 -16.93
N ASP A 235 6.81 -22.06 -18.12
CA ASP A 235 7.93 -22.93 -18.33
C ASP A 235 9.24 -22.14 -18.35
N PHE A 236 9.21 -20.91 -18.88
CA PHE A 236 10.34 -19.98 -18.76
C PHE A 236 10.55 -19.52 -17.31
N ASP A 237 9.47 -19.13 -16.63
CA ASP A 237 9.54 -18.69 -15.22
C ASP A 237 10.10 -19.79 -14.34
N LEU A 238 9.61 -21.01 -14.54
CA LEU A 238 10.07 -22.17 -13.77
C LEU A 238 11.55 -22.54 -14.02
N ALA A 239 12.02 -22.46 -15.26
CA ALA A 239 13.43 -22.68 -15.56
C ALA A 239 14.34 -21.65 -14.87
N ILE A 240 13.95 -20.39 -14.92
CA ILE A 240 14.72 -19.33 -14.26
C ILE A 240 14.85 -19.62 -12.77
N THR A 241 13.73 -19.94 -12.13
CA THR A 241 13.73 -20.11 -10.68
C THR A 241 14.44 -21.39 -10.21
N GLU A 242 14.41 -22.44 -11.04
CA GLU A 242 15.14 -23.67 -10.76
C GLU A 242 16.64 -23.44 -10.83
N HIS A 243 17.06 -22.63 -11.81
CA HIS A 243 18.43 -22.16 -11.93
C HIS A 243 18.89 -21.39 -10.70
N PHE A 244 18.10 -20.42 -10.25
CA PHE A 244 18.46 -19.62 -9.06
C PHE A 244 18.39 -20.38 -7.74
N ALA A 245 17.43 -21.30 -7.63
CA ALA A 245 17.41 -22.26 -6.52
C ALA A 245 18.77 -22.94 -6.34
N ASP A 246 19.35 -23.45 -7.43
CA ASP A 246 20.69 -24.06 -7.40
C ASP A 246 21.77 -23.06 -7.00
N GLU A 247 21.75 -21.88 -7.62
CA GLU A 247 22.77 -20.88 -7.35
C GLU A 247 22.72 -20.33 -5.91
N PHE A 248 21.52 -20.18 -5.36
CA PHE A 248 21.38 -19.61 -4.01
C PHE A 248 21.77 -20.61 -2.93
N LYS A 249 21.67 -21.89 -3.27
CA LYS A 249 22.06 -22.96 -2.37
C LYS A 249 23.57 -22.92 -2.15
N THR A 250 24.32 -22.65 -3.23
CA THR A 250 25.76 -22.49 -3.16
C THR A 250 26.12 -21.13 -2.57
N LYS A 251 25.51 -20.07 -3.11
CA LYS A 251 25.86 -18.69 -2.79
C LYS A 251 25.46 -18.27 -1.37
N TYR A 252 24.22 -18.53 -0.98
CA TYR A 252 23.67 -17.98 0.27
C TYR A 252 23.40 -19.03 1.34
N LYS A 253 23.58 -20.29 0.99
CA LYS A 253 23.33 -21.42 1.89
C LYS A 253 21.86 -21.52 2.28
N ILE A 254 20.99 -21.10 1.38
CA ILE A 254 19.53 -21.24 1.55
C ILE A 254 18.95 -22.14 0.46
N ASP A 255 18.10 -23.08 0.86
CA ASP A 255 17.45 -23.95 -0.08
C ASP A 255 15.97 -23.58 -0.20
N ILE A 256 15.67 -22.81 -1.24
CA ILE A 256 14.30 -22.30 -1.45
C ILE A 256 13.32 -23.40 -1.81
N ARG A 257 13.82 -24.57 -2.19
CA ARG A 257 12.95 -25.72 -2.46
C ARG A 257 12.32 -26.28 -1.17
N GLU A 258 12.89 -25.92 -0.02
CA GLU A 258 12.40 -26.35 1.29
C GLU A 258 11.41 -25.39 1.94
N ASN A 259 11.15 -24.25 1.29
CA ASN A 259 10.27 -23.21 1.86
C ASN A 259 9.42 -22.68 0.73
N PRO A 260 8.16 -23.15 0.66
CA PRO A 260 7.24 -22.79 -0.44
C PRO A 260 7.08 -21.29 -0.62
N LYS A 261 7.11 -20.52 0.46
CA LYS A 261 7.01 -19.05 0.36
C LYS A 261 8.24 -18.41 -0.29
N ALA A 262 9.43 -18.84 0.12
CA ALA A 262 10.69 -18.42 -0.50
C ALA A 262 10.68 -18.71 -1.99
N TYR A 263 10.23 -19.91 -2.35
CA TYR A 263 10.22 -20.36 -3.74
C TYR A 263 9.32 -19.46 -4.58
N ASN A 264 8.14 -19.17 -4.05
CA ASN A 264 7.16 -18.32 -4.70
C ASN A 264 7.59 -16.84 -4.83
N ARG A 265 8.41 -16.38 -3.89
CA ARG A 265 9.01 -15.05 -3.98
C ARG A 265 10.02 -14.98 -5.13
N ILE A 266 10.77 -16.06 -5.33
CA ILE A 266 11.67 -16.17 -6.49
C ILE A 266 10.90 -16.32 -7.80
N LEU A 267 9.90 -17.21 -7.83
CA LEU A 267 9.05 -17.38 -9.03
C LEU A 267 8.43 -16.07 -9.49
N THR A 268 7.90 -15.30 -8.55
CA THR A 268 7.27 -14.02 -8.84
C THR A 268 8.28 -13.02 -9.44
N ALA A 269 9.48 -12.98 -8.88
CA ALA A 269 10.52 -12.08 -9.36
C ALA A 269 11.08 -12.56 -10.70
N ALA A 270 11.07 -13.88 -10.90
CA ALA A 270 11.57 -14.49 -12.13
C ALA A 270 10.75 -14.09 -13.34
N GLU A 271 9.43 -13.99 -13.18
CA GLU A 271 8.57 -13.48 -14.25
C GLU A 271 8.98 -12.09 -14.70
N LYS A 272 9.30 -11.22 -13.75
CA LYS A 272 9.68 -9.85 -14.06
C LYS A 272 11.01 -9.79 -14.78
N LEU A 273 11.96 -10.59 -14.31
CA LEU A 273 13.28 -10.71 -14.92
C LEU A 273 13.18 -11.24 -16.37
N LYS A 274 12.34 -12.26 -16.57
CA LYS A 274 12.03 -12.76 -17.92
C LYS A 274 11.63 -11.62 -18.87
N LYS A 275 10.75 -10.72 -18.43
CA LYS A 275 10.25 -9.66 -19.29
C LYS A 275 11.33 -8.63 -19.65
N VAL A 276 12.16 -8.29 -18.67
CA VAL A 276 13.32 -7.44 -18.90
C VAL A 276 14.22 -8.03 -20.01
N LEU A 277 14.36 -9.36 -20.02
CA LEU A 277 15.18 -10.08 -21.01
C LEU A 277 14.56 -10.18 -22.41
N SER A 278 13.28 -9.86 -22.55
CA SER A 278 12.63 -9.75 -23.86
C SER A 278 13.07 -8.47 -24.56
N ALA A 279 13.62 -7.55 -23.77
CA ALA A 279 13.99 -6.23 -24.26
C ALA A 279 15.50 -6.01 -24.19
N ASN A 280 16.12 -6.53 -23.13
CA ASN A 280 17.56 -6.36 -22.89
C ASN A 280 18.27 -7.69 -22.97
N THR A 281 19.59 -7.65 -23.14
CA THR A 281 20.38 -8.86 -23.29
C THR A 281 20.98 -9.33 -21.95
N ASN A 282 20.98 -8.44 -20.96
CA ASN A 282 21.35 -8.74 -19.58
C ASN A 282 20.33 -8.10 -18.61
N ALA A 283 20.18 -8.69 -17.43
CA ALA A 283 19.24 -8.20 -16.42
C ALA A 283 19.69 -8.58 -15.02
N PRO A 284 19.66 -7.61 -14.08
CA PRO A 284 20.02 -7.94 -12.70
C PRO A 284 18.84 -8.61 -12.00
N PHE A 285 19.13 -9.31 -10.92
CA PHE A 285 18.12 -10.05 -10.17
C PHE A 285 18.36 -9.84 -8.70
N SER A 286 17.40 -9.23 -8.05
CA SER A 286 17.55 -8.87 -6.67
C SER A 286 16.21 -9.07 -5.99
N VAL A 287 16.21 -9.77 -4.86
CA VAL A 287 15.01 -9.96 -4.04
C VAL A 287 15.40 -9.87 -2.58
N GLU A 288 14.67 -9.03 -1.83
CA GLU A 288 14.85 -8.83 -0.41
C GLU A 288 14.16 -9.94 0.39
N SER A 289 14.79 -10.33 1.51
CA SER A 289 14.20 -11.28 2.47
C SER A 289 13.57 -12.52 1.83
N VAL A 290 14.33 -13.21 0.99
CA VAL A 290 13.85 -14.41 0.28
C VAL A 290 13.52 -15.51 1.28
N MET A 291 14.45 -15.78 2.19
CA MET A 291 14.38 -16.90 3.09
C MET A 291 15.27 -16.51 4.26
N ASN A 292 14.79 -16.75 5.48
CA ASN A 292 15.54 -16.42 6.70
C ASN A 292 16.08 -14.98 6.70
N ASP A 293 15.33 -14.08 6.06
CA ASP A 293 15.70 -12.67 5.88
C ASP A 293 17.01 -12.48 5.12
N VAL A 294 17.33 -13.41 4.23
CA VAL A 294 18.50 -13.27 3.35
C VAL A 294 18.10 -12.57 2.04
N ASP A 295 18.74 -11.43 1.78
CA ASP A 295 18.59 -10.71 0.52
C ASP A 295 19.50 -11.39 -0.51
N VAL A 296 18.97 -11.64 -1.71
CA VAL A 296 19.77 -12.25 -2.78
C VAL A 296 20.05 -11.25 -3.89
N SER A 297 21.17 -11.42 -4.59
CA SER A 297 21.57 -10.54 -5.67
C SER A 297 22.28 -11.33 -6.75
N SER A 298 21.71 -11.34 -7.94
CA SER A 298 22.34 -12.03 -9.07
C SER A 298 22.06 -11.32 -10.38
N GLN A 299 22.23 -12.04 -11.49
CA GLN A 299 21.89 -11.55 -12.81
C GLN A 299 21.68 -12.72 -13.77
N LEU A 300 21.19 -12.40 -14.96
CA LEU A 300 20.97 -13.40 -15.99
C LEU A 300 20.98 -12.72 -17.36
N SER A 301 21.59 -13.38 -18.34
CA SER A 301 21.64 -12.88 -19.70
C SER A 301 20.59 -13.58 -20.53
N ARG A 302 20.13 -12.95 -21.60
CA ARG A 302 19.21 -13.60 -22.54
C ARG A 302 19.79 -14.92 -23.08
N GLU A 303 21.10 -14.92 -23.36
CA GLU A 303 21.81 -16.12 -23.82
C GLU A 303 21.70 -17.26 -22.79
N GLU A 304 21.91 -16.95 -21.50
CA GLU A 304 21.79 -17.93 -20.42
C GLU A 304 20.37 -18.47 -20.26
N LEU A 305 19.39 -17.58 -20.40
CA LEU A 305 17.98 -17.93 -20.40
C LEU A 305 17.59 -18.90 -21.54
N GLU A 306 18.06 -18.61 -22.75
CA GLU A 306 17.80 -19.46 -23.90
C GLU A 306 18.40 -20.85 -23.72
N GLU A 307 19.56 -20.93 -23.08
CA GLU A 307 20.16 -22.22 -22.71
C GLU A 307 19.35 -23.02 -21.67
N LEU A 308 18.74 -22.34 -20.70
CA LEU A 308 17.93 -23.00 -19.65
C LEU A 308 16.67 -23.69 -20.20
N VAL A 309 16.12 -23.14 -21.29
CA VAL A 309 14.92 -23.71 -21.91
C VAL A 309 15.21 -24.45 -23.22
N LYS A 310 16.49 -24.76 -23.46
CA LYS A 310 16.89 -25.47 -24.69
C LYS A 310 16.11 -26.78 -24.99
N PRO A 311 15.87 -27.65 -23.99
CA PRO A 311 14.96 -28.81 -24.22
C PRO A 311 13.56 -28.42 -24.70
N LEU A 312 13.02 -27.32 -24.19
CA LEU A 312 11.72 -26.81 -24.60
C LEU A 312 11.75 -26.23 -26.01
N LEU A 313 12.82 -25.49 -26.31
CA LEU A 313 12.97 -24.83 -27.61
C LEU A 313 13.14 -25.80 -28.79
N GLU A 314 13.43 -27.06 -28.51
CA GLU A 314 13.58 -28.09 -29.56
C GLU A 314 12.24 -28.42 -30.22
N ARG A 315 11.16 -27.92 -29.64
CA ARG A 315 9.81 -28.21 -30.13
C ARG A 315 9.14 -26.94 -30.65
N VAL A 316 9.93 -25.91 -30.90
CA VAL A 316 9.38 -24.59 -31.21
C VAL A 316 8.66 -24.52 -32.57
N THR A 317 9.10 -25.33 -33.53
CA THR A 317 8.52 -25.30 -34.87
C THR A 317 7.46 -26.38 -35.09
N GLU A 318 7.37 -27.33 -34.15
CA GLU A 318 6.41 -28.45 -34.23
C GLU A 318 4.95 -28.03 -34.47
N PRO A 319 4.40 -27.11 -33.64
CA PRO A 319 3.05 -26.61 -33.93
C PRO A 319 2.83 -26.00 -35.32
N VAL A 320 3.80 -25.28 -35.88
CA VAL A 320 3.61 -24.72 -37.22
C VAL A 320 3.67 -25.81 -38.31
N THR A 321 4.60 -26.75 -38.17
CA THR A 321 4.77 -27.84 -39.14
C THR A 321 3.51 -28.70 -39.16
N LYS A 322 3.04 -29.04 -37.97
CA LYS A 322 1.86 -29.87 -37.74
C LYS A 322 0.59 -29.21 -38.30
N ALA A 323 0.45 -27.90 -38.12
CA ALA A 323 -0.72 -27.16 -38.61
C ALA A 323 -0.75 -27.08 -40.13
N LEU A 324 0.41 -26.79 -40.73
CA LEU A 324 0.58 -26.76 -42.19
C LEU A 324 0.24 -28.11 -42.82
N ALA A 325 0.75 -29.20 -42.22
CA ALA A 325 0.52 -30.54 -42.75
C ALA A 325 -0.96 -30.90 -42.74
N GLN A 326 -1.65 -30.56 -41.65
CA GLN A 326 -3.10 -30.73 -41.56
C GLN A 326 -3.83 -29.92 -42.63
N ALA A 327 -3.32 -28.71 -42.92
CA ALA A 327 -3.92 -27.80 -43.88
C ALA A 327 -3.58 -28.16 -45.33
N LYS A 328 -2.71 -29.15 -45.50
CA LYS A 328 -2.20 -29.59 -46.81
C LYS A 328 -1.39 -28.48 -47.50
N LEU A 329 -0.86 -27.56 -46.69
CA LEU A 329 -0.16 -26.38 -47.18
C LEU A 329 1.33 -26.36 -46.87
N SER A 330 2.08 -25.71 -47.75
CA SER A 330 3.49 -25.40 -47.54
C SER A 330 3.57 -24.00 -46.94
N ALA A 331 4.68 -23.69 -46.27
CA ALA A 331 4.88 -22.37 -45.64
C ALA A 331 4.89 -21.20 -46.64
N GLU A 332 5.11 -21.51 -47.93
CA GLU A 332 5.05 -20.52 -49.00
C GLU A 332 3.63 -19.99 -49.22
N GLU A 333 2.65 -20.85 -48.97
CA GLU A 333 1.25 -20.59 -49.32
C GLU A 333 0.48 -19.75 -48.30
N VAL A 334 1.09 -19.53 -47.14
CA VAL A 334 0.54 -18.64 -46.11
C VAL A 334 0.84 -17.19 -46.48
N ASP A 335 -0.19 -16.34 -46.46
CA ASP A 335 -0.02 -14.94 -46.85
C ASP A 335 0.52 -14.08 -45.70
N PHE A 336 -0.17 -14.13 -44.56
CA PHE A 336 0.21 -13.34 -43.39
C PHE A 336 0.32 -14.21 -42.15
N VAL A 337 1.21 -13.81 -41.23
CA VAL A 337 1.40 -14.49 -39.94
C VAL A 337 1.14 -13.55 -38.77
N GLU A 338 0.09 -13.85 -38.01
CA GLU A 338 -0.35 -13.01 -36.88
C GLU A 338 -0.02 -13.63 -35.53
N ILE A 339 0.64 -12.87 -34.68
CA ILE A 339 0.99 -13.31 -33.31
C ILE A 339 0.14 -12.62 -32.26
N ILE A 340 -0.30 -13.41 -31.28
CA ILE A 340 -0.98 -12.92 -30.07
C ILE A 340 -0.47 -13.72 -28.86
N GLY A 341 -0.92 -13.34 -27.66
CA GLY A 341 -0.49 -13.98 -26.42
C GLY A 341 0.77 -13.33 -25.89
N GLY A 342 0.90 -13.28 -24.57
CA GLY A 342 1.99 -12.57 -23.91
C GLY A 342 3.37 -13.13 -24.18
N THR A 343 3.47 -14.42 -24.47
CA THR A 343 4.77 -15.07 -24.59
C THR A 343 5.43 -14.93 -25.96
N THR A 344 4.63 -14.59 -26.97
CA THR A 344 5.15 -14.26 -28.30
C THR A 344 6.03 -13.02 -28.27
N ARG A 345 6.17 -12.39 -27.11
CA ARG A 345 7.06 -11.23 -26.96
C ARG A 345 8.53 -11.60 -26.76
N ILE A 346 8.82 -12.88 -26.60
CA ILE A 346 10.19 -13.36 -26.38
C ILE A 346 10.93 -13.45 -27.72
N PRO A 347 12.07 -12.75 -27.85
CA PRO A 347 12.82 -12.66 -29.13
C PRO A 347 13.15 -14.00 -29.80
N THR A 348 13.60 -14.99 -29.03
CA THR A 348 13.96 -16.29 -29.60
C THR A 348 12.75 -16.97 -30.25
N LEU A 349 11.57 -16.76 -29.67
CA LEU A 349 10.35 -17.36 -30.20
C LEU A 349 9.90 -16.68 -31.47
N LYS A 350 9.97 -15.34 -31.48
CA LYS A 350 9.68 -14.55 -32.67
C LYS A 350 10.59 -14.89 -33.85
N GLN A 351 11.87 -15.10 -33.54
CA GLN A 351 12.88 -15.51 -34.51
C GLN A 351 12.52 -16.86 -35.17
N SER A 352 12.08 -17.81 -34.35
CA SER A 352 11.84 -19.18 -34.79
C SER A 352 10.62 -19.35 -35.68
N ILE A 353 9.52 -18.71 -35.31
CA ILE A 353 8.25 -18.86 -36.06
C ILE A 353 8.19 -18.01 -37.34
N SER A 354 8.89 -16.87 -37.34
CA SER A 354 9.12 -16.08 -38.54
C SER A 354 9.98 -16.87 -39.54
N GLU A 355 11.02 -17.51 -39.00
CA GLU A 355 11.93 -18.36 -39.77
C GLU A 355 11.24 -19.63 -40.28
N ALA A 356 10.29 -20.16 -39.50
CA ALA A 356 9.54 -21.36 -39.88
C ALA A 356 8.61 -21.11 -41.06
N PHE A 357 7.87 -20.00 -41.01
CA PHE A 357 6.95 -19.62 -42.09
C PHE A 357 7.68 -18.95 -43.26
N GLY A 358 8.87 -18.43 -43.00
CA GLY A 358 9.63 -17.65 -43.98
C GLY A 358 9.02 -16.29 -44.21
N LYS A 359 8.31 -15.77 -43.20
CA LYS A 359 7.55 -14.53 -43.32
C LYS A 359 7.64 -13.68 -42.06
N PRO A 360 7.73 -12.34 -42.22
CA PRO A 360 7.70 -11.42 -41.08
C PRO A 360 6.38 -11.49 -40.30
N LEU A 361 6.46 -11.26 -38.99
CA LEU A 361 5.29 -11.39 -38.12
C LEU A 361 4.44 -10.12 -38.13
N SER A 362 3.13 -10.31 -38.13
CA SER A 362 2.18 -9.20 -38.12
C SER A 362 1.54 -9.07 -36.73
N THR A 363 1.19 -7.83 -36.37
CA THR A 363 0.54 -7.54 -35.10
C THR A 363 -0.75 -6.73 -35.34
N THR A 364 -1.58 -7.22 -36.27
CA THR A 364 -2.89 -6.61 -36.54
C THR A 364 -3.79 -6.69 -35.33
N LEU A 365 -3.82 -7.86 -34.70
CA LEU A 365 -4.67 -8.09 -33.55
C LEU A 365 -4.03 -7.57 -32.29
N ASN A 366 -4.87 -7.09 -31.38
CA ASN A 366 -4.45 -6.80 -30.02
C ASN A 366 -3.96 -8.10 -29.36
N GLN A 367 -2.73 -8.06 -28.86
CA GLN A 367 -2.09 -9.21 -28.23
C GLN A 367 -2.94 -9.88 -27.12
N ASP A 368 -3.56 -9.05 -26.28
CA ASP A 368 -4.24 -9.52 -25.07
C ASP A 368 -5.77 -9.53 -25.17
N GLU A 369 -6.33 -8.81 -26.13
CA GLU A 369 -7.79 -8.55 -26.14
C GLU A 369 -8.55 -9.24 -27.28
N ALA A 370 -7.81 -9.72 -28.27
CA ALA A 370 -8.39 -10.34 -29.49
C ALA A 370 -9.36 -11.48 -29.19
N ILE A 371 -8.96 -12.36 -28.27
CA ILE A 371 -9.73 -13.56 -27.98
C ILE A 371 -11.04 -13.23 -27.24
N ALA A 372 -10.93 -12.36 -26.24
CA ALA A 372 -12.07 -11.96 -25.41
C ALA A 372 -13.14 -11.23 -26.23
N LYS A 373 -12.70 -10.32 -27.09
CA LYS A 373 -13.61 -9.54 -27.93
C LYS A 373 -14.29 -10.43 -28.97
N GLY A 374 -13.54 -11.40 -29.51
CA GLY A 374 -14.09 -12.40 -30.41
C GLY A 374 -15.21 -13.20 -29.77
N ALA A 375 -15.01 -13.62 -28.53
CA ALA A 375 -16.02 -14.37 -27.79
C ALA A 375 -17.26 -13.52 -27.47
N ALA A 376 -17.06 -12.24 -27.21
CA ALA A 376 -18.17 -11.30 -26.95
C ALA A 376 -19.01 -11.07 -28.20
N PHE A 377 -18.37 -11.11 -29.36
CA PHE A 377 -19.07 -11.01 -30.63
C PHE A 377 -19.88 -12.28 -30.89
N ILE A 378 -19.25 -13.43 -30.67
CA ILE A 378 -19.90 -14.74 -30.81
C ILE A 378 -21.09 -14.86 -29.86
N CYS A 379 -20.95 -14.40 -28.62
CA CYS A 379 -22.06 -14.41 -27.66
C CYS A 379 -23.22 -13.56 -28.15
N ALA A 380 -22.91 -12.42 -28.77
CA ALA A 380 -23.91 -11.51 -29.33
C ALA A 380 -24.61 -12.08 -30.57
N ILE A 381 -23.93 -12.96 -31.29
CA ILE A 381 -24.48 -13.68 -32.45
C ILE A 381 -25.82 -14.35 -32.13
N HIS A 382 -25.99 -14.80 -30.89
CA HIS A 382 -27.27 -15.36 -30.41
C HIS A 382 -28.47 -14.43 -30.68
N SER A 383 -28.31 -13.15 -30.37
CA SER A 383 -29.35 -12.15 -30.62
C SER A 383 -28.84 -11.01 -31.52
N ARG A 389 -24.16 -7.02 -37.99
CA ARG A 389 -22.90 -7.61 -38.44
C ARG A 389 -22.99 -9.14 -38.53
N PRO A 390 -23.44 -9.67 -39.70
CA PRO A 390 -23.37 -11.12 -39.92
C PRO A 390 -21.93 -11.56 -40.20
N PHE A 391 -21.50 -12.65 -39.57
CA PHE A 391 -20.18 -13.21 -39.83
C PHE A 391 -20.24 -14.72 -39.66
N LYS A 392 -19.90 -15.44 -40.73
CA LYS A 392 -19.91 -16.90 -40.72
C LYS A 392 -18.50 -17.43 -40.42
N PHE A 393 -18.43 -18.48 -39.63
CA PHE A 393 -17.15 -19.14 -39.38
C PHE A 393 -17.33 -20.63 -39.04
N GLU A 394 -16.46 -21.45 -39.61
CA GLU A 394 -16.45 -22.88 -39.33
C GLU A 394 -15.09 -23.33 -38.78
N ASP A 395 -15.11 -24.06 -37.68
CA ASP A 395 -13.90 -24.55 -37.06
C ASP A 395 -13.62 -25.98 -37.54
N ILE A 396 -12.39 -26.46 -37.35
CA ILE A 396 -11.99 -27.77 -37.86
C ILE A 396 -12.35 -28.92 -36.90
N HIS A 397 -12.73 -30.06 -37.46
CA HIS A 397 -13.15 -31.22 -36.70
C HIS A 397 -12.09 -32.33 -36.92
N PRO A 398 -11.14 -32.45 -35.97
CA PRO A 398 -9.91 -33.22 -36.18
C PRO A 398 -10.10 -34.73 -36.35
N TYR A 399 -10.89 -35.33 -35.46
CA TYR A 399 -11.05 -36.77 -35.39
C TYR A 399 -12.38 -37.21 -35.97
N SER A 400 -12.39 -38.31 -36.72
CA SER A 400 -13.65 -38.86 -37.20
C SER A 400 -14.46 -39.47 -36.05
N VAL A 401 -15.74 -39.14 -36.03
CA VAL A 401 -16.69 -39.67 -35.05
C VAL A 401 -17.80 -40.48 -35.73
N SER A 402 -18.02 -41.69 -35.22
CA SER A 402 -19.05 -42.60 -35.70
C SER A 402 -20.21 -42.67 -34.71
N TYR A 403 -21.38 -43.03 -35.21
CA TYR A 403 -22.54 -43.33 -34.35
C TYR A 403 -22.96 -44.78 -34.54
N SER A 404 -23.38 -45.41 -33.45
CA SER A 404 -23.85 -46.79 -33.49
C SER A 404 -25.27 -46.91 -32.95
N TRP A 405 -25.90 -48.06 -33.21
CA TRP A 405 -27.27 -48.33 -32.78
C TRP A 405 -27.55 -49.86 -32.76
N ASP A 406 -28.64 -50.27 -32.07
CA ASP A 406 -29.02 -51.69 -32.07
C ASP A 406 -29.26 -52.16 -33.51
N LYS A 407 -28.58 -53.24 -33.89
CA LYS A 407 -28.66 -53.80 -35.25
C LYS A 407 -30.12 -53.93 -35.72
N GLN A 408 -30.89 -54.73 -34.97
CA GLN A 408 -32.31 -54.98 -35.26
C GLN A 408 -32.57 -55.47 -36.70
N VAL A 409 -33.53 -54.68 -37.39
CA VAL A 409 -33.93 -55.00 -38.76
C VAL A 409 -32.97 -54.32 -39.78
N GLU A 410 -32.21 -53.34 -39.29
CA GLU A 410 -31.25 -52.60 -40.12
C GLU A 410 -30.05 -53.48 -40.47
N ASP A 411 -29.62 -53.40 -41.73
CA ASP A 411 -28.51 -54.21 -42.24
C ASP A 411 -27.17 -53.85 -41.59
N GLU A 412 -27.03 -52.60 -41.17
CA GLU A 412 -25.83 -52.15 -40.45
C GLU A 412 -26.13 -51.64 -39.05
N ASP A 413 -25.08 -51.47 -38.24
CA ASP A 413 -25.22 -51.07 -36.84
C ASP A 413 -24.39 -49.84 -36.50
N HIS A 414 -23.54 -49.41 -37.43
CA HIS A 414 -22.69 -48.25 -37.24
C HIS A 414 -22.32 -47.58 -38.56
N MET A 415 -21.87 -46.33 -38.48
CA MET A 415 -21.55 -45.52 -39.64
C MET A 415 -20.69 -44.33 -39.21
N GLU A 416 -19.67 -44.00 -40.00
CA GLU A 416 -18.94 -42.74 -39.83
C GLU A 416 -19.89 -41.60 -40.18
N VAL A 417 -20.00 -40.62 -39.28
CA VAL A 417 -20.95 -39.52 -39.41
C VAL A 417 -20.23 -38.18 -39.65
N PHE A 418 -19.29 -37.84 -38.76
CA PHE A 418 -18.46 -36.65 -38.92
C PHE A 418 -17.00 -37.06 -39.13
N PRO A 419 -16.51 -37.05 -40.40
CA PRO A 419 -15.15 -37.50 -40.68
C PRO A 419 -14.06 -36.54 -40.19
N ALA A 420 -12.82 -37.04 -40.19
CA ALA A 420 -11.66 -36.29 -39.77
C ALA A 420 -11.31 -35.25 -40.84
N GLY A 421 -11.06 -34.01 -40.40
CA GLY A 421 -10.81 -32.90 -41.32
C GLY A 421 -12.09 -32.25 -41.79
N SER A 422 -13.20 -32.66 -41.17
CA SER A 422 -14.51 -32.08 -41.43
C SER A 422 -14.63 -30.72 -40.73
N SER A 423 -15.77 -30.06 -40.90
CA SER A 423 -16.03 -28.80 -40.21
C SER A 423 -17.15 -28.93 -39.18
N PHE A 424 -17.08 -28.10 -38.14
CA PHE A 424 -18.19 -27.95 -37.20
C PHE A 424 -18.56 -26.46 -37.03
N PRO A 425 -19.82 -26.16 -36.66
CA PRO A 425 -20.93 -27.09 -36.42
C PRO A 425 -21.41 -27.82 -37.69
N SER A 426 -21.98 -29.01 -37.51
CA SER A 426 -22.41 -29.82 -38.64
C SER A 426 -23.61 -30.68 -38.25
N THR A 427 -24.60 -30.71 -39.14
CA THR A 427 -25.79 -31.54 -38.98
C THR A 427 -25.80 -32.59 -40.09
N LYS A 428 -25.96 -33.85 -39.69
CA LYS A 428 -26.06 -34.96 -40.63
C LYS A 428 -27.33 -35.75 -40.36
N LEU A 429 -28.24 -35.76 -41.34
CA LEU A 429 -29.55 -36.41 -41.19
C LEU A 429 -29.53 -37.89 -41.57
N ILE A 430 -30.07 -38.73 -40.68
CA ILE A 430 -30.00 -40.18 -40.78
C ILE A 430 -31.41 -40.78 -40.70
N THR A 431 -31.70 -41.79 -41.53
CA THR A 431 -32.99 -42.50 -41.45
C THR A 431 -32.78 -43.98 -41.16
N LEU A 432 -33.40 -44.46 -40.09
CA LEU A 432 -33.22 -45.82 -39.58
C LEU A 432 -34.54 -46.58 -39.43
N ASN A 433 -34.57 -47.81 -39.95
CA ASN A 433 -35.70 -48.73 -39.73
C ASN A 433 -35.64 -49.36 -38.34
N ARG A 434 -36.77 -49.33 -37.63
CA ARG A 434 -36.80 -49.79 -36.24
C ARG A 434 -37.92 -50.79 -35.95
N THR A 435 -37.59 -51.79 -35.12
CA THR A 435 -38.55 -52.81 -34.69
C THR A 435 -39.03 -52.58 -33.25
N GLY A 436 -38.43 -51.60 -32.58
CA GLY A 436 -38.81 -51.20 -31.22
C GLY A 436 -37.91 -50.09 -30.70
N ASP A 437 -37.96 -49.85 -29.39
CA ASP A 437 -37.08 -48.89 -28.72
C ASP A 437 -35.62 -49.31 -28.85
N PHE A 438 -34.71 -48.33 -28.84
CA PHE A 438 -33.30 -48.60 -29.10
C PHE A 438 -32.32 -47.64 -28.43
N SER A 439 -31.09 -48.11 -28.26
CA SER A 439 -30.00 -47.30 -27.72
C SER A 439 -29.07 -46.86 -28.84
N MET A 440 -28.43 -45.71 -28.64
CA MET A 440 -27.40 -45.22 -29.57
C MET A 440 -26.16 -44.79 -28.79
N ALA A 441 -25.06 -44.61 -29.53
CA ALA A 441 -23.79 -44.22 -28.94
C ALA A 441 -22.89 -43.63 -30.00
N ALA A 442 -22.24 -42.51 -29.67
CA ALA A 442 -21.22 -41.93 -30.52
C ALA A 442 -19.85 -42.29 -29.97
N SER A 443 -18.93 -42.62 -30.87
CA SER A 443 -17.56 -42.96 -30.50
C SER A 443 -16.54 -42.50 -31.54
N TYR A 444 -15.26 -42.54 -31.19
CA TYR A 444 -14.19 -42.22 -32.14
C TYR A 444 -13.90 -43.41 -33.05
N THR A 445 -13.97 -43.15 -34.35
CA THR A 445 -13.80 -44.17 -35.39
C THR A 445 -12.44 -44.87 -35.28
N ASP A 446 -11.38 -44.09 -35.09
CA ASP A 446 -10.02 -44.60 -35.02
C ASP A 446 -9.34 -44.03 -33.79
N ILE A 447 -9.38 -44.80 -32.70
CA ILE A 447 -8.87 -44.38 -31.40
C ILE A 447 -7.35 -44.12 -31.38
N THR A 448 -6.63 -44.72 -32.32
CA THR A 448 -5.18 -44.53 -32.44
C THR A 448 -4.80 -43.08 -32.79
N GLN A 449 -5.74 -42.36 -33.40
CA GLN A 449 -5.51 -40.98 -33.83
C GLN A 449 -5.76 -39.96 -32.73
N LEU A 450 -6.15 -40.45 -31.55
CA LEU A 450 -6.47 -39.59 -30.42
C LEU A 450 -5.38 -39.59 -29.36
N PRO A 451 -5.38 -38.57 -28.47
CA PRO A 451 -4.43 -38.49 -27.36
C PRO A 451 -4.44 -39.76 -26.50
N PRO A 452 -3.28 -40.16 -25.95
CA PRO A 452 -3.23 -41.39 -25.15
C PRO A 452 -4.24 -41.40 -23.99
N ASN A 453 -4.95 -42.53 -23.86
CA ASN A 453 -5.91 -42.78 -22.76
C ASN A 453 -7.31 -42.18 -22.94
N THR A 454 -7.65 -41.76 -24.16
CA THR A 454 -8.99 -41.27 -24.45
C THR A 454 -9.95 -42.46 -24.52
N PRO A 455 -11.09 -42.40 -23.79
CA PRO A 455 -12.09 -43.46 -23.94
C PRO A 455 -12.73 -43.34 -25.30
N GLU A 456 -13.01 -44.50 -25.91
CA GLU A 456 -13.52 -44.55 -27.27
C GLU A 456 -14.91 -43.91 -27.40
N GLN A 457 -15.76 -44.15 -26.41
CA GLN A 457 -17.13 -43.65 -26.40
C GLN A 457 -17.23 -42.20 -25.91
N ILE A 458 -18.02 -41.42 -26.63
CA ILE A 458 -18.22 -39.99 -26.39
C ILE A 458 -19.47 -39.75 -25.55
N ALA A 459 -20.59 -40.30 -26.02
CA ALA A 459 -21.88 -40.18 -25.36
C ALA A 459 -22.76 -41.34 -25.79
N ASN A 460 -23.85 -41.55 -25.07
CA ASN A 460 -24.85 -42.56 -25.46
C ASN A 460 -26.29 -42.09 -25.20
N TRP A 461 -27.27 -42.73 -25.83
CA TRP A 461 -28.66 -42.28 -25.76
C TRP A 461 -29.63 -43.45 -25.71
N GLU A 462 -30.72 -43.26 -24.95
CA GLU A 462 -31.88 -44.15 -25.03
C GLU A 462 -33.01 -43.42 -25.74
N ILE A 463 -33.71 -44.14 -26.61
CA ILE A 463 -34.74 -43.53 -27.45
C ILE A 463 -36.10 -44.20 -27.23
N THR A 464 -37.08 -43.37 -26.87
CA THR A 464 -38.45 -43.79 -26.49
C THR A 464 -38.47 -44.69 -25.26
N ASP A 473 -43.85 -54.53 -39.74
CA ASP A 473 -42.51 -55.20 -39.83
C ASP A 473 -41.34 -54.29 -39.37
N SER A 474 -41.32 -53.07 -39.91
CA SER A 474 -40.28 -52.09 -39.58
C SER A 474 -40.82 -50.67 -39.75
N VAL A 475 -40.53 -49.82 -38.76
CA VAL A 475 -41.03 -48.42 -38.77
C VAL A 475 -39.85 -47.44 -38.84
N PRO A 476 -39.81 -46.58 -39.88
CA PRO A 476 -38.67 -45.70 -40.14
C PRO A 476 -38.59 -44.51 -39.17
N VAL A 477 -37.38 -44.19 -38.72
CA VAL A 477 -37.18 -43.02 -37.85
C VAL A 477 -36.11 -42.08 -38.39
N LYS A 478 -36.45 -40.80 -38.49
CA LYS A 478 -35.49 -39.75 -38.84
C LYS A 478 -34.86 -39.19 -37.58
N LEU A 479 -33.54 -39.29 -37.49
CA LEU A 479 -32.81 -38.69 -36.37
C LEU A 479 -31.92 -37.55 -36.85
N LYS A 480 -31.77 -36.54 -35.99
CA LYS A 480 -30.88 -35.43 -36.27
C LYS A 480 -29.64 -35.49 -35.38
N LEU A 481 -28.55 -36.00 -35.96
CA LEU A 481 -27.25 -36.04 -35.29
C LEU A 481 -26.55 -34.70 -35.51
N ARG A 482 -26.00 -34.13 -34.43
CA ARG A 482 -25.31 -32.85 -34.56
C ARG A 482 -23.98 -32.77 -33.83
N CYS A 483 -23.01 -32.15 -34.50
CA CYS A 483 -21.81 -31.64 -33.87
C CYS A 483 -22.09 -30.14 -33.71
N ASP A 484 -22.40 -29.71 -32.49
CA ASP A 484 -22.90 -28.34 -32.26
C ASP A 484 -21.80 -27.26 -32.38
N PRO A 485 -22.16 -25.97 -32.26
CA PRO A 485 -21.14 -24.90 -32.40
C PRO A 485 -19.95 -25.00 -31.43
N SER A 486 -20.13 -25.70 -30.31
CA SER A 486 -19.07 -25.96 -29.35
C SER A 486 -18.27 -27.20 -29.74
N GLY A 487 -18.69 -27.86 -30.82
CA GLY A 487 -18.02 -29.06 -31.30
C GLY A 487 -18.37 -30.34 -30.55
N LEU A 488 -19.50 -30.30 -29.84
CA LEU A 488 -19.99 -31.44 -29.05
C LEU A 488 -21.00 -32.29 -29.82
N HIS A 489 -21.01 -33.59 -29.51
CA HIS A 489 -21.76 -34.58 -30.29
C HIS A 489 -23.07 -35.00 -29.64
N THR A 490 -24.16 -34.59 -30.27
CA THR A 490 -25.52 -34.74 -29.72
C THR A 490 -26.46 -35.50 -30.65
N ILE A 491 -27.68 -35.75 -30.18
CA ILE A 491 -28.83 -36.08 -31.03
C ILE A 491 -29.93 -35.08 -30.68
N GLU A 492 -30.30 -34.24 -31.64
CA GLU A 492 -31.23 -33.14 -31.37
C GLU A 492 -32.71 -33.53 -31.38
N GLU A 493 -33.12 -34.39 -32.31
CA GLU A 493 -34.51 -34.82 -32.40
C GLU A 493 -34.68 -36.25 -32.92
N ALA A 494 -35.82 -36.85 -32.58
CA ALA A 494 -36.14 -38.23 -32.97
C ALA A 494 -37.64 -38.40 -33.19
N TYR A 495 -38.02 -38.66 -34.44
CA TYR A 495 -39.43 -38.85 -34.80
C TYR A 495 -39.60 -39.96 -35.85
N THR A 496 -40.81 -40.51 -35.92
CA THR A 496 -41.15 -41.57 -36.89
C THR A 496 -41.78 -41.03 -38.18
N ILE A 497 -41.60 -41.78 -39.26
CA ILE A 497 -42.20 -41.48 -40.58
C ILE A 497 -43.49 -42.29 -40.81
N GLU A 498 -44.31 -41.86 -41.77
CA GLU A 498 -45.50 -42.58 -42.23
C GLU A 498 -45.75 -42.40 -43.73
N ASP A 499 -45.85 -43.51 -44.46
CA ASP A 499 -46.07 -43.49 -45.91
C ASP A 499 -47.57 -43.51 -46.27
N LYS A 525 -45.54 -38.09 -50.06
CA LYS A 525 -44.11 -38.47 -49.97
C LYS A 525 -43.69 -38.89 -48.55
N THR A 526 -43.96 -38.00 -47.58
CA THR A 526 -43.56 -38.24 -46.19
C THR A 526 -44.49 -37.53 -45.19
N VAL A 527 -44.62 -38.09 -43.99
CA VAL A 527 -45.39 -37.49 -42.91
C VAL A 527 -44.76 -37.76 -41.54
N LYS A 528 -44.97 -36.83 -40.59
CA LYS A 528 -44.51 -36.99 -39.22
C LYS A 528 -45.56 -37.72 -38.40
N LYS A 529 -45.15 -38.77 -37.69
CA LYS A 529 -46.06 -39.54 -36.84
C LYS A 529 -45.85 -39.28 -35.35
N ASP A 530 -44.79 -39.86 -34.78
CA ASP A 530 -44.55 -39.78 -33.34
C ASP A 530 -43.17 -39.24 -32.97
N ASP A 531 -43.12 -38.49 -31.88
CA ASP A 531 -41.85 -38.08 -31.27
C ASP A 531 -41.48 -39.03 -30.14
N LEU A 532 -40.24 -39.49 -30.15
CA LEU A 532 -39.72 -40.30 -29.05
C LEU A 532 -38.84 -39.47 -28.13
N THR A 533 -38.95 -39.71 -26.84
CA THR A 533 -38.14 -39.01 -25.86
C THR A 533 -36.72 -39.55 -25.91
N ILE A 534 -35.76 -38.64 -25.89
CA ILE A 534 -34.35 -39.00 -25.84
C ILE A 534 -33.86 -38.78 -24.41
N VAL A 535 -33.19 -39.78 -23.87
CA VAL A 535 -32.48 -39.64 -22.61
C VAL A 535 -30.99 -39.65 -22.96
N ALA A 536 -30.35 -38.50 -22.76
CA ALA A 536 -28.93 -38.31 -23.11
C ALA A 536 -28.01 -38.61 -21.94
N HIS A 537 -26.90 -39.28 -22.23
CA HIS A 537 -25.84 -39.46 -21.25
C HIS A 537 -24.55 -38.93 -21.86
N THR A 538 -24.15 -37.74 -21.40
CA THR A 538 -22.95 -37.07 -21.90
C THR A 538 -21.97 -36.81 -20.77
N PHE A 539 -20.87 -36.10 -21.04
CA PHE A 539 -20.00 -35.63 -19.97
C PHE A 539 -20.62 -34.52 -19.13
N GLY A 540 -21.65 -33.86 -19.65
CA GLY A 540 -22.38 -32.82 -18.91
C GLY A 540 -23.12 -33.34 -17.70
N LEU A 541 -23.16 -32.55 -16.63
CA LEU A 541 -23.78 -32.96 -15.37
C LEU A 541 -25.31 -33.13 -15.45
N ASP A 542 -25.83 -34.06 -14.66
CA ASP A 542 -27.27 -34.22 -14.47
C ASP A 542 -27.80 -33.02 -13.68
N ALA A 543 -29.08 -32.71 -13.88
CA ALA A 543 -29.73 -31.57 -13.22
C ALA A 543 -29.59 -31.62 -11.70
N LYS A 544 -29.82 -32.80 -11.12
CA LYS A 544 -29.73 -32.98 -9.67
C LYS A 544 -28.40 -32.54 -9.08
N LYS A 545 -27.30 -33.04 -9.65
CA LYS A 545 -25.95 -32.71 -9.19
C LYS A 545 -25.67 -31.23 -9.45
N LEU A 546 -26.14 -30.76 -10.59
CA LEU A 546 -25.99 -29.36 -10.99
C LEU A 546 -26.65 -28.39 -10.02
N ASN A 547 -27.85 -28.73 -9.56
CA ASN A 547 -28.57 -27.90 -8.57
C ASN A 547 -27.93 -27.90 -7.19
N GLU A 548 -27.39 -29.04 -6.77
CA GLU A 548 -26.63 -29.16 -5.52
C GLU A 548 -25.42 -28.21 -5.51
N LEU A 549 -24.72 -28.18 -6.64
CA LEU A 549 -23.50 -27.38 -6.80
C LEU A 549 -23.81 -25.89 -7.02
N ILE A 550 -24.98 -25.60 -7.58
CA ILE A 550 -25.46 -24.21 -7.73
C ILE A 550 -25.83 -23.62 -6.38
N GLU A 551 -26.56 -24.37 -5.56
CA GLU A 551 -26.95 -23.92 -4.22
C GLU A 551 -25.72 -23.72 -3.32
N LYS A 552 -24.71 -24.56 -3.53
CA LYS A 552 -23.47 -24.51 -2.75
C LYS A 552 -22.61 -23.28 -3.10
N GLU A 553 -22.58 -22.90 -4.38
CA GLU A 553 -21.91 -21.68 -4.82
C GLU A 553 -22.66 -20.40 -4.41
N ASN A 554 -23.99 -20.47 -4.35
CA ASN A 554 -24.82 -19.37 -3.83
C ASN A 554 -24.51 -19.05 -2.36
N GLU A 555 -24.34 -20.10 -1.56
CA GLU A 555 -24.02 -19.97 -0.14
C GLU A 555 -22.68 -19.28 0.06
N MET A 556 -21.68 -19.71 -0.72
CA MET A 556 -20.33 -19.18 -0.63
C MET A 556 -20.27 -17.73 -1.08
N LEU A 557 -21.01 -17.42 -2.16
CA LEU A 557 -21.04 -16.07 -2.71
C LEU A 557 -21.72 -15.09 -1.75
N ALA A 558 -22.87 -15.48 -1.21
CA ALA A 558 -23.57 -14.67 -0.21
C ALA A 558 -22.72 -14.43 1.03
N GLN A 559 -21.89 -15.40 1.39
CA GLN A 559 -20.96 -15.23 2.51
C GLN A 559 -19.92 -14.18 2.18
N ASP A 560 -19.34 -14.25 0.98
CA ASP A 560 -18.39 -13.24 0.50
C ASP A 560 -19.00 -11.84 0.54
N LYS A 561 -20.23 -11.70 0.03
CA LYS A 561 -20.94 -10.42 -0.03
C LYS A 561 -21.17 -9.88 1.37
N LEU A 562 -21.72 -10.74 2.26
CA LEU A 562 -21.98 -10.38 3.65
C LEU A 562 -20.74 -9.89 4.40
N VAL A 563 -19.64 -10.61 4.23
CA VAL A 563 -18.37 -10.24 4.88
C VAL A 563 -17.83 -8.88 4.40
N ALA A 564 -17.85 -8.66 3.09
CA ALA A 564 -17.35 -7.42 2.51
C ALA A 564 -18.18 -6.19 2.91
N GLU A 565 -19.51 -6.34 2.93
CA GLU A 565 -20.42 -5.25 3.34
C GLU A 565 -20.34 -4.94 4.84
N THR A 566 -20.19 -5.99 5.64
CA THR A 566 -19.98 -5.84 7.08
C THR A 566 -18.69 -5.06 7.38
N GLU A 567 -17.61 -5.42 6.67
CA GLU A 567 -16.32 -4.75 6.80
C GLU A 567 -16.40 -3.28 6.37
N ASP A 568 -17.16 -3.00 5.33
CA ASP A 568 -17.32 -1.62 4.84
C ASP A 568 -18.11 -0.73 5.84
N ARG A 569 -19.14 -1.26 6.47
CA ARG A 569 -19.88 -0.52 7.50
C ARG A 569 -19.04 -0.33 8.75
N LYS A 570 -18.24 -1.32 9.11
CA LYS A 570 -17.30 -1.17 10.20
C LYS A 570 -16.30 -0.06 9.88
N ASN A 571 -15.75 -0.06 8.66
CA ASN A 571 -14.78 0.96 8.24
C ASN A 571 -15.39 2.37 8.15
N THR A 572 -16.64 2.45 7.70
CA THR A 572 -17.39 3.70 7.66
C THR A 572 -17.57 4.30 9.06
N LEU A 573 -17.90 3.46 10.03
CA LEU A 573 -18.03 3.89 11.43
C LEU A 573 -16.70 4.41 11.99
N GLU A 574 -15.64 3.61 11.85
CA GLU A 574 -14.28 3.99 12.26
C GLU A 574 -13.83 5.34 11.67
N GLU A 575 -14.05 5.54 10.38
CA GLU A 575 -13.66 6.79 9.73
C GLU A 575 -14.53 7.96 10.16
N TYR A 576 -15.82 7.71 10.40
CA TYR A 576 -16.72 8.74 10.88
C TYR A 576 -16.36 9.20 12.30
N ILE A 577 -15.99 8.26 13.17
CA ILE A 577 -15.47 8.61 14.50
C ILE A 577 -14.24 9.53 14.39
N TYR A 578 -13.32 9.16 13.50
CA TYR A 578 -12.07 9.89 13.31
C TYR A 578 -12.28 11.30 12.78
N THR A 579 -13.08 11.45 11.73
CA THR A 579 -13.26 12.76 11.11
C THR A 579 -14.14 13.69 11.96
N LEU A 580 -15.20 13.15 12.55
CA LEU A 580 -16.10 13.92 13.41
C LEU A 580 -15.41 14.45 14.69
N ARG A 581 -14.45 13.71 15.23
CA ARG A 581 -13.66 14.22 16.36
C ARG A 581 -12.82 15.42 15.92
N GLY A 582 -12.22 15.30 14.73
CA GLY A 582 -11.36 16.35 14.17
C GLY A 582 -12.12 17.61 13.83
N LYS A 583 -13.37 17.45 13.37
CA LYS A 583 -14.25 18.58 13.06
C LYS A 583 -14.73 19.32 14.31
N LEU A 584 -14.96 18.58 15.39
CA LEU A 584 -15.32 19.20 16.67
C LEU A 584 -14.19 20.06 17.26
N GLU A 585 -12.95 19.66 16.98
CA GLU A 585 -11.76 20.43 17.39
C GLU A 585 -11.48 21.58 16.43
N GLU A 586 -12.33 21.76 15.43
CA GLU A 586 -12.18 22.84 14.46
C GLU A 586 -13.50 23.51 14.12
N GLU A 587 -13.96 23.30 12.88
CA GLU A 587 -15.12 23.99 12.31
C GLU A 587 -16.39 23.90 13.14
N TYR A 588 -16.69 22.71 13.64
CA TYR A 588 -17.95 22.46 14.37
C TYR A 588 -17.96 23.02 15.80
N ALA A 589 -16.80 23.49 16.28
CA ALA A 589 -16.64 23.95 17.67
C ALA A 589 -17.61 25.05 18.11
N PRO A 590 -17.75 26.15 17.32
CA PRO A 590 -18.72 27.20 17.67
C PRO A 590 -20.20 26.75 17.69
N PHE A 591 -20.49 25.53 17.21
CA PHE A 591 -21.87 25.11 16.91
C PHE A 591 -22.50 24.06 17.84
N ALA A 592 -22.02 23.98 19.07
CA ALA A 592 -22.56 23.07 20.07
C ALA A 592 -22.29 23.59 21.48
N SER A 593 -23.26 23.39 22.37
CA SER A 593 -23.09 23.71 23.79
C SER A 593 -22.11 22.75 24.47
N ASP A 594 -21.66 23.13 25.67
CA ASP A 594 -20.79 22.27 26.49
C ASP A 594 -21.45 20.93 26.80
N ALA A 595 -22.75 20.98 27.08
CA ALA A 595 -23.55 19.78 27.38
C ALA A 595 -23.68 18.84 26.19
N GLU A 596 -23.78 19.42 24.99
CA GLU A 596 -23.89 18.66 23.74
C GLU A 596 -22.54 18.07 23.34
N LYS A 597 -21.48 18.84 23.56
CA LYS A 597 -20.13 18.39 23.15
C LYS A 597 -19.65 17.22 24.00
N THR A 598 -19.78 17.33 25.32
CA THR A 598 -19.41 16.24 26.24
C THR A 598 -20.27 14.99 26.02
N LYS A 599 -21.53 15.19 25.66
CA LYS A 599 -22.43 14.07 25.32
C LYS A 599 -21.91 13.31 24.10
N LEU A 600 -21.64 14.06 23.02
CA LEU A 600 -21.12 13.51 21.76
C LEU A 600 -19.73 12.92 21.93
N GLN A 601 -18.88 13.63 22.66
CA GLN A 601 -17.50 13.22 22.89
C GLN A 601 -17.44 11.89 23.63
N GLY A 602 -18.30 11.74 24.65
CA GLY A 602 -18.42 10.49 25.39
C GLY A 602 -19.00 9.37 24.55
N MET A 603 -19.86 9.72 23.61
CA MET A 603 -20.46 8.74 22.71
C MET A 603 -19.44 8.24 21.71
N LEU A 604 -18.53 9.13 21.31
CA LEU A 604 -17.44 8.79 20.39
C LEU A 604 -16.43 7.88 21.07
N ASN A 605 -16.05 8.23 22.30
CA ASN A 605 -15.18 7.42 23.14
C ASN A 605 -15.78 6.03 23.41
N LYS A 606 -17.09 5.99 23.65
CA LYS A 606 -17.81 4.74 23.87
C LYS A 606 -17.95 3.91 22.60
N ALA A 607 -18.08 4.58 21.45
CA ALA A 607 -18.11 3.90 20.16
C ALA A 607 -16.79 3.18 19.86
N GLU A 608 -15.68 3.89 20.09
CA GLU A 608 -14.34 3.32 19.92
C GLU A 608 -14.11 2.15 20.84
N GLU A 609 -14.51 2.31 22.10
CA GLU A 609 -14.44 1.27 23.12
C GLU A 609 -15.18 0.01 22.69
N TRP A 610 -16.36 0.21 22.10
CA TRP A 610 -17.19 -0.87 21.57
C TRP A 610 -16.50 -1.58 20.42
N LEU A 611 -15.86 -0.81 19.54
CA LEU A 611 -15.12 -1.36 18.40
C LEU A 611 -13.97 -2.23 18.82
N TYR A 612 -13.43 -1.96 20.00
CA TYR A 612 -12.42 -2.83 20.60
C TYR A 612 -13.02 -4.13 21.15
N ASP A 613 -14.26 -4.08 21.62
CA ASP A 613 -14.86 -5.21 22.36
C ASP A 613 -15.89 -5.98 21.53
N GLU A 614 -17.18 -5.73 21.75
CA GLU A 614 -18.25 -6.49 21.07
C GLU A 614 -18.37 -6.08 19.60
N GLY A 615 -17.80 -4.93 19.26
CA GLY A 615 -17.79 -4.42 17.89
C GLY A 615 -16.58 -4.82 17.09
N PHE A 616 -15.71 -5.63 17.68
CA PHE A 616 -14.53 -6.15 16.98
C PHE A 616 -14.89 -7.05 15.78
N ASP A 617 -15.92 -7.88 15.97
CA ASP A 617 -16.39 -8.80 14.94
C ASP A 617 -17.90 -8.97 15.10
N SER A 618 -18.63 -7.90 14.79
CA SER A 618 -20.09 -7.85 14.99
C SER A 618 -20.80 -8.07 13.65
N ILE A 619 -22.10 -7.85 13.63
CA ILE A 619 -22.92 -7.97 12.42
C ILE A 619 -23.19 -6.59 11.80
N LYS A 620 -23.56 -6.59 10.53
CA LYS A 620 -23.82 -5.38 9.74
C LYS A 620 -24.76 -4.37 10.41
N ALA A 621 -25.91 -4.83 10.92
CA ALA A 621 -26.92 -3.96 11.52
C ALA A 621 -26.42 -3.16 12.70
N LYS A 622 -25.52 -3.76 13.49
CA LYS A 622 -24.94 -3.08 14.63
C LYS A 622 -23.97 -1.94 14.27
N TYR A 623 -23.11 -2.13 13.27
CA TYR A 623 -22.25 -1.05 12.77
C TYR A 623 -23.03 0.10 12.17
N ILE A 624 -24.13 -0.23 11.47
CA ILE A 624 -25.02 0.78 10.93
C ILE A 624 -25.68 1.55 12.07
N ALA A 625 -26.19 0.82 13.06
CA ALA A 625 -26.88 1.43 14.20
C ALA A 625 -25.99 2.39 15.00
N LYS A 626 -24.75 1.99 15.28
CA LYS A 626 -23.81 2.82 16.04
C LYS A 626 -23.43 4.07 15.25
N TYR A 627 -23.32 3.91 13.94
CA TYR A 627 -23.05 5.02 13.05
C TYR A 627 -24.18 6.05 13.12
N GLU A 628 -25.41 5.56 13.00
CA GLU A 628 -26.58 6.41 12.88
C GLU A 628 -26.84 7.20 14.15
N GLU A 629 -26.56 6.59 15.31
CA GLU A 629 -26.73 7.27 16.58
C GLU A 629 -25.70 8.38 16.79
N LEU A 630 -24.51 8.21 16.21
CA LEU A 630 -23.51 9.28 16.22
C LEU A 630 -23.84 10.37 15.21
N ALA A 631 -24.24 9.94 14.02
CA ALA A 631 -24.59 10.86 12.93
C ALA A 631 -25.83 11.70 13.23
N SER A 632 -26.77 11.16 14.00
CA SER A 632 -27.98 11.89 14.34
C SER A 632 -27.65 13.18 15.09
N LEU A 633 -26.65 13.11 15.97
CA LEU A 633 -26.13 14.27 16.66
C LEU A 633 -25.09 15.03 15.83
N GLY A 634 -24.31 14.30 15.05
CA GLY A 634 -23.31 14.91 14.16
C GLY A 634 -23.89 15.74 13.04
N ASN A 635 -25.09 15.39 12.58
CA ASN A 635 -25.77 16.11 11.52
C ASN A 635 -26.45 17.40 12.01
N ILE A 636 -26.90 17.38 13.27
CA ILE A 636 -27.46 18.56 13.92
C ILE A 636 -26.41 19.67 13.99
N ILE A 637 -25.20 19.32 14.42
CA ILE A 637 -24.08 20.26 14.43
C ILE A 637 -23.68 20.69 13.03
N ARG A 638 -23.62 19.75 12.09
CA ARG A 638 -23.31 20.10 10.71
C ARG A 638 -24.36 21.07 10.14
N GLY A 639 -25.62 20.90 10.53
CA GLY A 639 -26.72 21.77 10.09
C GLY A 639 -26.59 23.21 10.55
N ARG A 640 -26.01 23.40 11.72
CA ARG A 640 -25.74 24.72 12.27
C ARG A 640 -24.49 25.30 11.64
N TYR A 641 -23.50 24.44 11.41
CA TYR A 641 -22.28 24.82 10.71
C TYR A 641 -22.62 25.38 9.32
N LEU A 642 -23.46 24.65 8.59
CA LEU A 642 -23.79 25.02 7.21
C LEU A 642 -24.68 26.24 7.12
N ALA A 643 -25.30 26.61 8.24
CA ALA A 643 -26.14 27.81 8.37
C ALA A 643 -25.29 29.08 8.41
N LYS A 644 -24.20 29.03 9.18
CA LYS A 644 -23.22 30.11 9.18
C LYS A 644 -22.35 30.12 7.91
N GLU A 645 -22.16 28.96 7.30
CA GLU A 645 -21.45 28.89 6.04
C GLU A 645 -22.15 29.67 4.94
N GLU A 646 -23.49 29.58 4.90
CA GLU A 646 -24.30 30.39 3.97
C GLU A 646 -24.25 31.88 4.33
N GLU A 647 -24.24 32.17 5.63
CA GLU A 647 -24.15 33.54 6.13
C GLU A 647 -22.85 34.25 5.70
N LYS A 648 -21.74 33.51 5.68
CA LYS A 648 -20.43 34.03 5.23
C LYS A 648 -20.49 34.38 3.74
N LYS A 649 -20.98 33.44 2.92
CA LYS A 649 -21.15 33.66 1.47
C LYS A 649 -21.99 34.89 1.16
N GLN A 650 -23.08 35.08 1.93
CA GLN A 650 -23.96 36.25 1.81
C GLN A 650 -23.25 37.55 2.19
N ALA A 651 -22.39 37.49 3.20
CA ALA A 651 -21.62 38.65 3.67
C ALA A 651 -20.57 39.13 2.65
N ILE A 652 -19.96 38.18 1.93
CA ILE A 652 -19.06 38.46 0.80
C ILE A 652 -19.80 39.18 -0.33
N ARG A 653 -20.93 38.59 -0.76
CA ARG A 653 -21.77 39.16 -1.81
C ARG A 653 -22.32 40.56 -1.48
N SER A 654 -22.62 40.81 -0.21
CA SER A 654 -23.18 42.12 0.20
C SER A 654 -22.14 43.24 0.25
N LYS A 655 -20.86 42.85 0.14
CA LYS A 655 -19.73 43.79 0.14
C LYS A 655 -19.24 44.19 -1.27
N GLN A 656 -19.59 43.39 -2.28
CA GLN A 656 -19.10 43.59 -3.67
C GLN A 656 -19.34 45.00 -4.25
N THR B 2 4.21 33.29 8.26
CA THR B 2 3.28 32.34 8.96
C THR B 2 3.95 31.71 10.19
N PRO B 3 3.51 32.13 11.40
CA PRO B 3 4.01 31.54 12.65
C PRO B 3 3.84 30.01 12.66
N PHE B 4 4.91 29.30 12.98
CA PHE B 4 4.95 27.85 12.93
C PHE B 4 5.33 27.29 14.31
N GLY B 5 4.49 26.44 14.88
CA GLY B 5 4.76 25.76 16.15
C GLY B 5 5.02 24.29 15.93
N LEU B 6 6.14 23.80 16.47
CA LEU B 6 6.53 22.41 16.29
C LEU B 6 6.62 21.65 17.62
N ASP B 7 5.76 20.65 17.77
CA ASP B 7 5.87 19.70 18.86
C ASP B 7 6.69 18.52 18.35
N LEU B 8 7.96 18.48 18.72
CA LEU B 8 8.88 17.45 18.25
C LEU B 8 8.84 16.23 19.21
N GLY B 9 8.07 15.22 18.84
CA GLY B 9 7.91 14.07 19.70
C GLY B 9 8.91 12.99 19.40
N ASN B 10 9.19 12.15 20.38
CA ASN B 10 10.07 11.01 20.17
C ASN B 10 9.48 10.02 19.19
N ASN B 11 8.17 9.87 19.22
CA ASN B 11 7.46 8.97 18.34
C ASN B 11 6.93 9.72 17.11
N ASN B 12 6.21 10.80 17.37
CA ASN B 12 5.56 11.55 16.30
C ASN B 12 5.60 13.07 16.56
N SER B 13 5.54 13.84 15.48
CA SER B 13 5.59 15.29 15.59
C SER B 13 4.28 15.91 15.10
N VAL B 14 3.87 16.97 15.77
CA VAL B 14 2.64 17.71 15.44
C VAL B 14 2.99 19.15 15.04
N LEU B 15 2.37 19.62 13.95
CA LEU B 15 2.64 20.93 13.37
C LEU B 15 1.41 21.84 13.43
N ALA B 16 1.61 23.08 13.88
CA ALA B 16 0.53 24.05 14.00
C ALA B 16 0.95 25.39 13.44
N VAL B 17 -0.01 26.06 12.82
CA VAL B 17 0.20 27.41 12.30
C VAL B 17 -0.90 28.33 12.79
N ALA B 18 -0.52 29.59 13.03
CA ALA B 18 -1.47 30.66 13.31
C ALA B 18 -1.87 31.34 11.99
N ARG B 19 -3.17 31.32 11.68
CA ARG B 19 -3.73 31.97 10.47
C ARG B 19 -5.23 32.11 10.63
N ASN B 20 -5.89 32.73 9.65
CA ASN B 20 -7.31 33.08 9.75
C ASN B 20 -7.50 33.82 11.07
N ARG B 21 -8.42 33.36 11.91
CA ARG B 21 -8.55 33.92 13.25
C ARG B 21 -8.29 32.83 14.29
N GLY B 22 -7.31 31.97 14.01
CA GLY B 22 -7.03 30.84 14.90
C GLY B 22 -5.70 30.15 14.71
N ILE B 23 -5.60 28.95 15.27
CA ILE B 23 -4.45 28.08 15.13
C ILE B 23 -4.93 26.73 14.62
N ASP B 24 -4.32 26.25 13.55
CA ASP B 24 -4.72 25.02 12.90
C ASP B 24 -3.57 23.99 12.89
N ILE B 25 -3.93 22.71 12.93
CA ILE B 25 -2.96 21.63 12.72
C ILE B 25 -2.71 21.45 11.22
N VAL B 26 -1.44 21.31 10.84
CA VAL B 26 -1.08 21.02 9.46
C VAL B 26 -0.97 19.50 9.28
N VAL B 27 -1.75 18.92 8.35
CA VAL B 27 -1.61 17.49 8.04
C VAL B 27 -0.45 17.29 7.04
N ASN B 28 0.09 16.08 7.00
CA ASN B 28 1.20 15.76 6.09
C ASN B 28 0.70 15.22 4.72
N GLU B 29 1.59 14.58 3.97
CA GLU B 29 1.30 14.17 2.59
C GLU B 29 0.35 12.97 2.46
N VAL B 30 0.10 12.27 3.57
CA VAL B 30 -0.96 11.26 3.57
C VAL B 30 -2.15 11.65 4.45
N SER B 31 -2.23 12.94 4.79
CA SER B 31 -3.33 13.54 5.55
C SER B 31 -3.38 13.14 7.02
N ASN B 32 -2.25 12.70 7.57
CA ASN B 32 -2.14 12.39 8.99
C ASN B 32 -1.86 13.67 9.78
N ARG B 33 -2.41 13.73 10.99
CA ARG B 33 -2.32 14.91 11.83
C ARG B 33 -1.04 14.93 12.68
N SER B 34 -0.27 13.85 12.63
CA SER B 34 1.10 13.83 13.16
C SER B 34 2.01 13.17 12.13
N THR B 35 3.32 13.36 12.30
CA THR B 35 4.31 12.81 11.40
C THR B 35 5.29 11.96 12.21
N PRO B 36 5.58 10.73 11.76
CA PRO B 36 6.59 9.92 12.44
C PRO B 36 7.96 10.62 12.49
N SER B 37 8.54 10.66 13.68
CA SER B 37 9.80 11.35 13.90
C SER B 37 11.00 10.47 13.50
N VAL B 38 11.13 10.22 12.20
CA VAL B 38 12.05 9.20 11.67
C VAL B 38 12.81 9.76 10.48
N VAL B 39 14.09 9.38 10.41
CA VAL B 39 14.96 9.73 9.31
C VAL B 39 15.66 8.45 8.82
N GLY B 40 15.31 8.02 7.62
CA GLY B 40 15.94 6.87 6.99
C GLY B 40 16.75 7.31 5.79
N PHE B 41 17.62 6.42 5.32
CA PHE B 41 18.56 6.71 4.25
C PHE B 41 18.55 5.57 3.24
N GLY B 42 18.63 5.94 1.96
CA GLY B 42 18.59 4.96 0.90
C GLY B 42 19.68 5.17 -0.13
N PRO B 43 19.68 4.33 -1.18
CA PRO B 43 20.71 4.43 -2.22
C PRO B 43 20.65 5.73 -3.05
N LYS B 44 19.51 6.42 -3.07
CA LYS B 44 19.38 7.65 -3.89
C LYS B 44 18.93 8.87 -3.11
N ASN B 45 18.20 8.66 -2.03
CA ASN B 45 17.59 9.75 -1.28
C ASN B 45 17.35 9.37 0.19
N ARG B 46 16.94 10.35 0.98
CA ARG B 46 16.55 10.16 2.38
C ARG B 46 15.06 9.83 2.41
N TYR B 47 14.66 9.06 3.42
CA TYR B 47 13.25 8.78 3.69
C TYR B 47 12.91 9.46 5.01
N LEU B 48 12.28 10.62 4.92
CA LEU B 48 12.01 11.47 6.07
C LEU B 48 10.53 11.48 6.41
N GLY B 49 10.23 11.25 7.68
CA GLY B 49 8.87 11.18 8.16
C GLY B 49 8.19 9.88 7.82
N GLU B 50 7.01 9.99 7.23
CA GLU B 50 6.14 8.87 6.96
C GLU B 50 6.83 7.75 6.14
N THR B 51 7.57 8.11 5.10
CA THR B 51 8.24 7.14 4.25
C THR B 51 9.43 6.48 4.99
N GLY B 52 10.08 7.24 5.87
CA GLY B 52 11.09 6.69 6.79
C GLY B 52 10.53 5.62 7.69
N LYS B 53 9.34 5.86 8.22
CA LYS B 53 8.64 4.92 9.10
C LYS B 53 8.20 3.66 8.36
N ASN B 54 7.65 3.81 7.14
CA ASN B 54 7.21 2.67 6.34
C ASN B 54 8.32 1.67 5.98
N LYS B 55 9.53 2.16 5.76
CA LYS B 55 10.66 1.34 5.35
C LYS B 55 11.50 0.91 6.54
N GLN B 56 10.95 1.10 7.74
CA GLN B 56 11.70 0.89 8.97
C GLN B 56 12.19 -0.55 9.18
N THR B 57 11.39 -1.54 8.79
CA THR B 57 11.85 -2.91 8.95
C THR B 57 12.79 -3.26 7.78
N SER B 58 12.35 -2.94 6.56
CA SER B 58 13.14 -3.13 5.35
C SER B 58 14.54 -2.54 5.43
N ASN B 59 14.61 -1.31 5.94
CA ASN B 59 15.79 -0.48 5.94
C ASN B 59 16.35 -0.28 7.35
N ILE B 60 16.15 -1.29 8.19
CA ILE B 60 16.39 -1.24 9.64
C ILE B 60 17.75 -0.70 10.09
N LYS B 61 18.84 -1.05 9.42
CA LYS B 61 20.17 -0.54 9.82
C LYS B 61 20.38 0.94 9.47
N ASN B 62 19.55 1.48 8.60
CA ASN B 62 19.73 2.85 8.06
C ASN B 62 18.57 3.78 8.42
N THR B 63 17.83 3.40 9.46
CA THR B 63 16.69 4.15 9.96
C THR B 63 17.06 4.67 11.36
N VAL B 64 17.02 5.99 11.52
CA VAL B 64 17.29 6.68 12.79
C VAL B 64 16.00 7.26 13.41
N ALA B 65 15.68 6.84 14.63
CA ALA B 65 14.56 7.41 15.36
C ALA B 65 15.11 7.99 16.68
N ASN B 66 14.25 8.22 17.67
CA ASN B 66 14.66 8.85 18.95
C ASN B 66 15.54 10.07 18.76
N LEU B 67 15.20 10.89 17.77
CA LEU B 67 16.05 12.01 17.38
C LEU B 67 16.27 13.01 18.51
N LYS B 68 15.24 13.25 19.30
CA LYS B 68 15.32 14.26 20.34
C LYS B 68 16.11 13.74 21.57
N ARG B 69 16.31 12.42 21.64
CA ARG B 69 17.03 11.80 22.77
C ARG B 69 18.55 11.79 22.62
N ILE B 70 19.03 11.84 21.37
CA ILE B 70 20.48 11.85 21.17
C ILE B 70 21.04 13.26 20.98
N ILE B 71 20.16 14.25 20.86
CA ILE B 71 20.58 15.66 20.86
C ILE B 71 21.37 15.94 22.14
N GLY B 72 22.59 16.44 22.01
CA GLY B 72 23.43 16.78 23.17
C GLY B 72 23.96 15.62 23.99
N LEU B 73 23.83 14.40 23.45
CA LEU B 73 24.16 13.19 24.18
C LEU B 73 25.65 12.80 24.14
N ASP B 74 26.32 12.97 25.28
CA ASP B 74 27.68 12.50 25.46
C ASP B 74 27.74 10.99 25.24
N TYR B 75 28.65 10.55 24.39
CA TYR B 75 28.84 9.12 24.14
C TYR B 75 29.09 8.29 25.41
N HIS B 76 29.66 8.92 26.44
CA HIS B 76 29.89 8.24 27.72
C HIS B 76 28.92 8.62 28.85
N HIS B 77 27.79 9.22 28.49
CA HIS B 77 26.70 9.48 29.43
C HIS B 77 26.32 8.19 30.18
N PRO B 78 26.06 8.27 31.49
CA PRO B 78 25.68 7.06 32.24
C PRO B 78 24.32 6.46 31.81
N ASP B 79 23.43 7.26 31.25
CA ASP B 79 22.17 6.74 30.69
C ASP B 79 22.31 6.33 29.23
N PHE B 80 23.53 6.29 28.70
CA PHE B 80 23.70 5.99 27.27
C PHE B 80 22.99 4.70 26.82
N GLU B 81 23.15 3.62 27.57
CA GLU B 81 22.56 2.32 27.22
C GLU B 81 21.03 2.29 27.31
N GLN B 82 20.46 3.05 28.25
CA GLN B 82 19.02 3.27 28.29
C GLN B 82 18.50 3.89 27.01
N GLU B 83 19.28 4.79 26.41
CA GLU B 83 18.92 5.39 25.12
C GLU B 83 19.19 4.44 23.95
N SER B 84 20.37 3.82 23.93
CA SER B 84 20.82 3.09 22.76
C SER B 84 20.07 1.78 22.49
N LYS B 85 19.44 1.22 23.51
CA LYS B 85 18.63 0.01 23.35
C LYS B 85 17.36 0.23 22.51
N HIS B 86 17.03 1.49 22.25
CA HIS B 86 15.88 1.83 21.40
C HIS B 86 16.31 2.17 19.98
N PHE B 87 17.60 2.01 19.71
CA PHE B 87 18.15 2.29 18.39
C PHE B 87 18.37 1.04 17.59
N THR B 88 18.10 1.18 16.30
CA THR B 88 18.15 0.08 15.38
C THR B 88 19.34 0.27 14.42
N SER B 89 19.85 1.49 14.36
CA SER B 89 21.06 1.79 13.61
C SER B 89 22.23 1.98 14.56
N LYS B 90 23.44 1.98 13.99
CA LYS B 90 24.70 2.10 14.72
C LYS B 90 24.96 3.51 15.24
N LEU B 91 25.22 3.63 16.54
CA LEU B 91 25.60 4.90 17.15
C LEU B 91 27.11 4.95 17.30
N VAL B 92 27.70 6.10 16.95
CA VAL B 92 29.14 6.25 17.00
C VAL B 92 29.52 7.51 17.76
N GLU B 93 30.75 7.55 18.23
CA GLU B 93 31.31 8.69 18.97
C GLU B 93 31.82 9.73 17.98
N LEU B 94 31.52 10.99 18.24
CA LEU B 94 31.96 12.08 17.37
C LEU B 94 33.21 12.73 17.94
N ASP B 95 33.92 13.50 17.10
CA ASP B 95 35.13 14.22 17.49
C ASP B 95 34.91 15.10 18.72
N ASP B 96 33.66 15.51 18.96
CA ASP B 96 33.36 16.37 20.09
C ASP B 96 32.79 15.63 21.30
N LYS B 97 32.92 14.31 21.28
CA LYS B 97 32.49 13.44 22.39
C LYS B 97 30.99 13.14 22.42
N LYS B 98 30.21 13.83 21.57
CA LYS B 98 28.80 13.56 21.46
C LYS B 98 28.53 12.30 20.62
N THR B 99 27.24 12.06 20.35
CA THR B 99 26.77 10.86 19.66
C THR B 99 26.22 11.21 18.27
N GLY B 100 26.62 10.41 17.28
CA GLY B 100 26.09 10.51 15.95
C GLY B 100 25.63 9.14 15.50
N ALA B 101 25.14 9.06 14.27
CA ALA B 101 24.69 7.79 13.72
C ALA B 101 25.43 7.47 12.45
N GLU B 102 25.84 6.20 12.32
CA GLU B 102 26.50 5.72 11.11
C GLU B 102 25.53 4.91 10.27
N VAL B 103 25.42 5.31 8.99
CA VAL B 103 24.43 4.76 8.07
C VAL B 103 25.02 4.57 6.68
N ARG B 104 24.37 3.74 5.87
CA ARG B 104 24.66 3.64 4.47
C ARG B 104 23.68 4.55 3.74
N PHE B 105 24.23 5.50 2.99
CA PHE B 105 23.45 6.53 2.32
C PHE B 105 24.12 6.85 0.99
N ALA B 106 23.33 6.86 -0.08
CA ALA B 106 23.82 7.14 -1.44
C ALA B 106 25.03 6.28 -1.81
N GLY B 107 25.00 5.01 -1.38
CA GLY B 107 26.03 4.02 -1.70
C GLY B 107 27.30 4.07 -0.87
N GLU B 108 27.30 4.88 0.19
CA GLU B 108 28.49 5.07 1.03
C GLU B 108 28.15 5.08 2.52
N LYS B 109 29.18 4.95 3.33
CA LYS B 109 29.09 5.03 4.79
C LYS B 109 29.18 6.50 5.20
N HIS B 110 28.20 6.94 5.98
CA HIS B 110 28.08 8.33 6.41
C HIS B 110 27.83 8.37 7.89
N VAL B 111 28.47 9.33 8.57
CA VAL B 111 28.21 9.63 9.97
C VAL B 111 27.58 11.01 10.05
N PHE B 112 26.42 11.09 10.70
CA PHE B 112 25.73 12.35 10.91
C PHE B 112 25.59 12.60 12.38
N SER B 113 25.82 13.84 12.80
CA SER B 113 25.62 14.24 14.20
C SER B 113 24.13 14.32 14.54
N ALA B 114 23.82 14.29 15.83
CA ALA B 114 22.44 14.40 16.31
C ALA B 114 21.76 15.66 15.82
N THR B 115 22.52 16.77 15.83
CA THR B 115 22.05 18.07 15.37
C THR B 115 21.70 18.06 13.87
N GLN B 116 22.56 17.44 13.04
CA GLN B 116 22.26 17.23 11.63
C GLN B 116 20.99 16.41 11.42
N LEU B 117 20.91 15.27 12.10
CA LEU B 117 19.76 14.38 11.95
C LEU B 117 18.43 15.08 12.25
N ALA B 118 18.40 15.84 13.34
CA ALA B 118 17.26 16.68 13.73
C ALA B 118 16.95 17.76 12.70
N ALA B 119 17.98 18.37 12.12
CA ALA B 119 17.78 19.35 11.03
C ALA B 119 17.15 18.72 9.77
N MET B 120 17.54 17.50 9.42
CA MET B 120 16.92 16.78 8.30
C MET B 120 15.40 16.68 8.52
N PHE B 121 15.01 16.24 9.74
CA PHE B 121 13.61 16.08 10.09
C PHE B 121 12.82 17.40 10.10
N ILE B 122 13.40 18.44 10.71
CA ILE B 122 12.80 19.76 10.77
C ILE B 122 12.58 20.32 9.36
N ASP B 123 13.56 20.10 8.49
CA ASP B 123 13.47 20.53 7.11
C ASP B 123 12.32 19.83 6.36
N LYS B 124 12.11 18.54 6.65
CA LYS B 124 10.95 17.82 6.12
C LYS B 124 9.61 18.45 6.56
N VAL B 125 9.41 18.62 7.86
CA VAL B 125 8.15 19.16 8.35
C VAL B 125 7.96 20.62 7.95
N LYS B 126 9.07 21.34 7.77
CA LYS B 126 8.99 22.69 7.21
C LYS B 126 8.42 22.69 5.78
N ASP B 127 8.91 21.78 4.93
CA ASP B 127 8.34 21.58 3.58
C ASP B 127 6.84 21.26 3.62
N THR B 128 6.43 20.39 4.55
CA THR B 128 5.02 20.04 4.81
C THR B 128 4.15 21.27 5.09
N VAL B 129 4.62 22.13 6.00
CA VAL B 129 3.95 23.40 6.30
C VAL B 129 3.90 24.31 5.06
N LYS B 130 5.01 24.43 4.34
CA LYS B 130 5.05 25.24 3.11
C LYS B 130 4.06 24.74 2.05
N GLN B 131 3.94 23.41 1.91
CA GLN B 131 3.00 22.85 0.94
C GLN B 131 1.53 23.01 1.33
N ASP B 132 1.27 23.12 2.63
CA ASP B 132 -0.08 23.36 3.14
C ASP B 132 -0.45 24.83 3.01
N THR B 133 0.47 25.72 3.36
CA THR B 133 0.20 27.16 3.41
C THR B 133 0.51 27.93 2.11
N LYS B 134 1.30 27.33 1.23
CA LYS B 134 1.75 27.96 -0.03
C LYS B 134 2.57 29.23 0.22
N ALA B 135 2.95 29.43 1.47
CA ALA B 135 3.77 30.57 1.89
C ALA B 135 5.19 30.09 2.15
N ASN B 136 6.11 31.02 2.37
CA ASN B 136 7.42 30.63 2.86
C ASN B 136 7.44 30.69 4.38
N ILE B 137 8.10 29.72 5.00
CA ILE B 137 8.11 29.59 6.44
C ILE B 137 9.52 29.95 6.88
N THR B 138 9.63 30.88 7.80
CA THR B 138 10.94 31.40 8.18
C THR B 138 11.26 31.33 9.68
N ASP B 139 10.25 31.18 10.52
CA ASP B 139 10.38 31.17 11.99
C ASP B 139 9.72 29.93 12.61
N VAL B 140 10.30 29.43 13.70
CA VAL B 140 9.66 28.36 14.50
C VAL B 140 9.71 28.58 16.00
N CYS B 141 8.67 28.12 16.66
CA CYS B 141 8.73 27.84 18.07
C CYS B 141 8.71 26.32 18.28
N ILE B 142 9.77 25.79 18.89
CA ILE B 142 9.92 24.36 19.12
C ILE B 142 9.69 24.02 20.60
N ALA B 143 8.78 23.08 20.85
CA ALA B 143 8.52 22.59 22.21
C ALA B 143 9.41 21.41 22.51
N VAL B 144 10.08 21.49 23.67
CA VAL B 144 11.04 20.48 24.14
C VAL B 144 10.66 20.00 25.56
N PRO B 145 11.14 18.80 25.96
CA PRO B 145 10.82 18.41 27.34
C PRO B 145 11.53 19.32 28.35
N PRO B 146 10.91 19.53 29.52
CA PRO B 146 11.50 20.45 30.51
C PRO B 146 12.86 19.98 31.04
N TRP B 147 13.17 18.69 30.92
CA TRP B 147 14.50 18.18 31.34
C TRP B 147 15.63 18.50 30.34
N TYR B 148 15.28 19.01 29.16
CA TYR B 148 16.30 19.47 28.21
C TYR B 148 17.32 20.39 28.92
N THR B 149 18.60 20.09 28.75
CA THR B 149 19.64 20.92 29.31
C THR B 149 19.81 22.19 28.46
N GLU B 150 20.50 23.18 29.01
CA GLU B 150 20.82 24.40 28.28
C GLU B 150 21.51 24.06 26.97
N GLU B 151 22.47 23.13 27.00
CA GLU B 151 23.15 22.68 25.77
C GLU B 151 22.21 22.11 24.71
N GLN B 152 21.31 21.22 25.16
CA GLN B 152 20.34 20.61 24.25
C GLN B 152 19.43 21.65 23.58
N ARG B 153 19.13 22.73 24.31
CA ARG B 153 18.26 23.81 23.82
C ARG B 153 18.97 24.56 22.72
N TYR B 154 20.25 24.82 22.93
CA TYR B 154 21.11 25.38 21.88
C TYR B 154 21.22 24.45 20.67
N ASN B 155 21.42 23.16 20.90
CA ASN B 155 21.55 22.22 19.78
C ASN B 155 20.31 22.17 18.89
N ILE B 156 19.13 22.10 19.49
CA ILE B 156 17.90 22.05 18.70
C ILE B 156 17.60 23.38 17.96
N ALA B 157 17.98 24.51 18.57
CA ALA B 157 17.86 25.81 17.93
C ALA B 157 18.74 25.87 16.69
N ASP B 158 19.97 25.38 16.82
CA ASP B 158 20.90 25.32 15.70
C ASP B 158 20.44 24.31 14.63
N ALA B 159 19.79 23.21 15.06
CA ALA B 159 19.20 22.27 14.12
C ALA B 159 18.13 22.97 13.27
N ALA B 160 17.31 23.81 13.92
CA ALA B 160 16.33 24.68 13.22
C ALA B 160 17.00 25.63 12.21
N ARG B 161 18.16 26.16 12.58
CA ARG B 161 18.92 27.06 11.71
C ARG B 161 19.48 26.34 10.48
N ILE B 162 20.05 25.15 10.69
CA ILE B 162 20.48 24.29 9.58
C ILE B 162 19.32 24.04 8.58
N ALA B 163 18.09 23.94 9.09
CA ALA B 163 16.87 23.73 8.28
C ALA B 163 16.28 25.04 7.73
N GLY B 164 16.98 26.15 7.93
CA GLY B 164 16.62 27.43 7.31
C GLY B 164 15.58 28.21 8.08
N LEU B 165 15.41 27.88 9.36
CA LEU B 165 14.42 28.52 10.20
C LEU B 165 15.04 29.32 11.34
N ASN B 166 14.47 30.47 11.63
CA ASN B 166 14.82 31.20 12.83
C ASN B 166 14.01 30.63 14.00
N PRO B 167 14.69 30.09 15.02
CA PRO B 167 13.94 29.64 16.21
C PRO B 167 13.67 30.79 17.18
N VAL B 168 12.44 31.30 17.16
CA VAL B 168 12.08 32.48 17.96
C VAL B 168 12.09 32.17 19.47
N ARG B 169 11.73 30.93 19.81
CA ARG B 169 11.76 30.44 21.19
C ARG B 169 11.83 28.92 21.21
N ILE B 170 12.58 28.39 22.18
CA ILE B 170 12.56 26.98 22.49
C ILE B 170 11.78 26.89 23.79
N VAL B 171 10.56 26.36 23.72
CA VAL B 171 9.65 26.40 24.84
C VAL B 171 9.56 25.01 25.46
N ASN B 172 9.42 24.97 26.79
CA ASN B 172 9.15 23.73 27.51
C ASN B 172 7.78 23.25 27.09
N ASP B 173 7.64 21.98 26.76
CA ASP B 173 6.40 21.53 26.09
C ASP B 173 5.15 21.67 26.95
N VAL B 174 5.26 21.35 28.24
CA VAL B 174 4.11 21.47 29.12
C VAL B 174 3.69 22.92 29.37
N THR B 175 4.67 23.83 29.40
CA THR B 175 4.36 25.26 29.43
C THR B 175 3.49 25.68 28.23
N ALA B 176 3.86 25.20 27.04
CA ALA B 176 3.14 25.46 25.79
C ALA B 176 1.69 24.98 25.85
N ALA B 177 1.48 23.80 26.46
CA ALA B 177 0.12 23.27 26.68
C ALA B 177 -0.66 24.11 27.70
N GLY B 178 0.04 24.62 28.72
CA GLY B 178 -0.54 25.56 29.70
C GLY B 178 -1.07 26.85 29.08
N VAL B 179 -0.31 27.39 28.12
CA VAL B 179 -0.73 28.53 27.33
C VAL B 179 -2.01 28.18 26.55
N SER B 180 -2.04 26.99 25.98
CA SER B 180 -3.24 26.50 25.27
C SER B 180 -4.49 26.50 26.16
N TYR B 181 -4.32 26.03 27.39
CA TYR B 181 -5.35 26.07 28.43
C TYR B 181 -5.74 27.52 28.74
N GLY B 182 -4.74 28.37 28.96
CA GLY B 182 -4.93 29.78 29.31
C GLY B 182 -5.68 30.60 28.28
N ILE B 183 -5.37 30.38 27.01
CA ILE B 183 -6.05 31.12 25.94
C ILE B 183 -7.43 30.54 25.61
N PHE B 184 -7.70 29.30 26.05
CA PHE B 184 -8.97 28.62 25.77
C PHE B 184 -10.04 28.90 26.83
N LYS B 185 -9.66 28.80 28.10
CA LYS B 185 -10.56 29.12 29.22
C LYS B 185 -10.96 30.59 29.25
N THR B 186 -12.25 30.82 29.51
CA THR B 186 -12.84 32.16 29.51
C THR B 186 -13.35 32.56 30.89
N ASP B 187 -13.15 31.69 31.88
CA ASP B 187 -13.72 31.85 33.21
C ASP B 187 -12.63 31.94 34.29
N LEU B 188 -11.42 32.33 33.89
CA LEU B 188 -10.29 32.42 34.81
C LEU B 188 -10.43 33.58 35.82
N PRO B 189 -9.83 33.43 37.01
CA PRO B 189 -9.85 34.51 38.02
C PRO B 189 -9.18 35.79 37.50
N GLU B 190 -9.63 36.92 38.03
CA GLU B 190 -9.17 38.24 37.60
C GLU B 190 -8.75 39.07 38.81
N GLY B 191 -7.94 40.09 38.56
CA GLY B 191 -7.56 41.08 39.57
C GLY B 191 -6.87 40.48 40.78
N GLU B 192 -7.53 40.62 41.92
CA GLU B 192 -6.97 40.22 43.21
C GLU B 192 -7.36 38.78 43.57
N GLU B 193 -8.38 38.23 42.89
CA GLU B 193 -8.86 36.87 43.17
C GLU B 193 -7.71 35.85 43.17
N LYS B 194 -7.84 34.83 44.03
CA LYS B 194 -6.87 33.73 44.07
C LYS B 194 -6.73 33.12 42.67
N PRO B 195 -5.47 32.87 42.25
CA PRO B 195 -5.25 32.14 40.97
C PRO B 195 -5.76 30.71 41.01
N ARG B 196 -6.13 30.18 39.85
CA ARG B 196 -6.49 28.78 39.69
C ARG B 196 -5.23 27.94 39.56
N ILE B 197 -5.12 26.90 40.39
CA ILE B 197 -3.99 26.01 40.37
C ILE B 197 -4.37 24.77 39.55
N VAL B 198 -3.64 24.55 38.46
CA VAL B 198 -3.89 23.42 37.58
C VAL B 198 -2.61 22.61 37.47
N ALA B 199 -2.74 21.29 37.65
CA ALA B 199 -1.63 20.39 37.45
C ALA B 199 -1.73 19.80 36.04
N PHE B 200 -0.59 19.72 35.35
CA PHE B 200 -0.56 19.15 34.02
C PHE B 200 0.33 17.93 34.05
N VAL B 201 -0.22 16.82 33.55
CA VAL B 201 0.53 15.58 33.43
C VAL B 201 0.59 15.15 31.94
N ASP B 202 1.81 15.06 31.42
CA ASP B 202 2.06 14.63 30.04
C ASP B 202 2.94 13.39 30.11
N ILE B 203 2.39 12.24 29.68
CA ILE B 203 3.20 11.05 29.45
C ILE B 203 3.10 10.68 27.97
N GLY B 204 4.24 10.67 27.28
CA GLY B 204 4.26 10.34 25.86
C GLY B 204 4.98 9.03 25.61
N HIS B 205 5.80 9.03 24.58
CA HIS B 205 6.51 7.85 24.12
C HIS B 205 7.71 7.55 24.99
N SER B 206 8.36 8.61 25.47
CA SER B 206 9.61 8.44 26.20
C SER B 206 9.68 9.13 27.56
N SER B 207 8.87 10.16 27.74
CA SER B 207 8.95 11.03 28.92
C SER B 207 7.65 11.18 29.71
N TYR B 208 7.80 11.44 31.00
CA TYR B 208 6.69 11.70 31.91
C TYR B 208 6.95 13.02 32.65
N THR B 209 6.16 14.05 32.33
CA THR B 209 6.27 15.35 32.99
C THR B 209 5.03 15.70 33.80
N CYS B 210 5.27 16.20 35.01
CA CYS B 210 4.23 16.89 35.79
C CYS B 210 4.59 18.35 36.04
N SER B 211 3.69 19.26 35.67
CA SER B 211 3.89 20.70 35.87
C SER B 211 2.67 21.34 36.56
N ILE B 212 2.92 22.10 37.63
CA ILE B 212 1.86 22.76 38.41
C ILE B 212 1.88 24.27 38.09
N MET B 213 0.75 24.81 37.64
CA MET B 213 0.68 26.19 37.18
C MET B 213 -0.44 27.00 37.87
N ALA B 214 -0.18 28.30 38.06
CA ALA B 214 -1.18 29.25 38.54
C ALA B 214 -1.69 30.12 37.39
N PHE B 215 -3.02 30.20 37.25
CA PHE B 215 -3.70 30.89 36.16
C PHE B 215 -4.60 32.04 36.61
N LYS B 216 -4.39 33.19 35.98
CA LYS B 216 -5.35 34.28 36.01
C LYS B 216 -5.65 34.65 34.56
N LYS B 217 -6.66 35.49 34.34
CA LYS B 217 -6.96 35.92 32.98
C LYS B 217 -5.70 36.53 32.37
N GLY B 218 -5.32 36.02 31.20
CA GLY B 218 -4.19 36.56 30.44
C GLY B 218 -2.80 36.24 30.96
N GLN B 219 -2.69 35.32 31.91
CA GLN B 219 -1.38 34.99 32.49
C GLN B 219 -1.31 33.62 33.16
N LEU B 220 -0.12 33.02 33.08
CA LEU B 220 0.18 31.85 33.89
C LEU B 220 1.57 31.97 34.55
N LYS B 221 1.73 31.27 35.68
CA LYS B 221 3.03 31.16 36.31
C LYS B 221 3.26 29.72 36.66
N VAL B 222 4.38 29.16 36.20
CA VAL B 222 4.78 27.82 36.58
C VAL B 222 5.32 27.80 38.02
N LEU B 223 4.76 26.91 38.83
CA LEU B 223 5.06 26.81 40.25
C LEU B 223 6.00 25.63 40.55
N GLY B 224 5.91 24.57 39.77
CA GLY B 224 6.84 23.44 39.90
C GLY B 224 6.76 22.48 38.74
N THR B 225 7.91 21.93 38.36
CA THR B 225 8.01 20.95 37.26
C THR B 225 8.90 19.78 37.66
N ALA B 226 8.44 18.57 37.35
CA ALA B 226 9.23 17.37 37.59
C ALA B 226 9.02 16.40 36.43
N CYS B 227 10.10 15.74 36.05
CA CYS B 227 10.14 14.78 34.96
C CYS B 227 10.73 13.45 35.35
N ASP B 228 10.22 12.41 34.72
CA ASP B 228 10.93 11.15 34.59
C ASP B 228 11.15 10.93 33.08
N LYS B 229 12.37 11.11 32.61
CA LYS B 229 12.68 10.95 31.19
C LYS B 229 12.78 9.50 30.71
N HIS B 230 12.74 8.55 31.65
CA HIS B 230 12.78 7.14 31.32
C HIS B 230 11.46 6.45 31.67
N PHE B 231 10.35 7.06 31.23
CA PHE B 231 9.00 6.58 31.57
C PHE B 231 8.09 7.01 30.45
N GLY B 232 7.76 6.08 29.56
CA GLY B 232 6.92 6.40 28.41
C GLY B 232 6.43 5.14 27.75
N GLY B 233 5.60 5.30 26.73
CA GLY B 233 5.04 4.18 25.99
C GLY B 233 6.06 3.19 25.45
N ARG B 234 7.27 3.65 25.12
CA ARG B 234 8.27 2.76 24.51
C ARG B 234 8.75 1.70 25.49
N ASP B 235 8.74 2.05 26.78
CA ASP B 235 9.07 1.15 27.87
C ASP B 235 8.02 0.04 28.09
N PHE B 236 6.76 0.35 27.79
CA PHE B 236 5.69 -0.67 27.74
C PHE B 236 5.85 -1.59 26.50
N ASP B 237 6.09 -1.01 25.32
CA ASP B 237 6.29 -1.79 24.10
C ASP B 237 7.47 -2.76 24.26
N LEU B 238 8.59 -2.27 24.78
CA LEU B 238 9.78 -3.06 25.02
C LEU B 238 9.53 -4.19 26.01
N ALA B 239 8.83 -3.92 27.11
CA ALA B 239 8.55 -4.94 28.10
C ALA B 239 7.74 -6.09 27.46
N ILE B 240 6.72 -5.75 26.68
CA ILE B 240 5.89 -6.73 25.96
C ILE B 240 6.72 -7.56 24.98
N THR B 241 7.58 -6.92 24.21
CA THR B 241 8.32 -7.66 23.19
C THR B 241 9.42 -8.55 23.79
N GLU B 242 10.03 -8.10 24.89
CA GLU B 242 10.98 -8.95 25.64
C GLU B 242 10.27 -10.17 26.23
N HIS B 243 9.07 -9.97 26.78
CA HIS B 243 8.23 -11.07 27.24
C HIS B 243 7.99 -12.11 26.13
N PHE B 244 7.63 -11.65 24.94
CA PHE B 244 7.39 -12.55 23.80
C PHE B 244 8.65 -13.16 23.22
N ALA B 245 9.76 -12.43 23.27
CA ALA B 245 11.07 -12.95 22.87
C ALA B 245 11.41 -14.24 23.58
N ASP B 246 11.19 -14.27 24.90
CA ASP B 246 11.43 -15.44 25.73
C ASP B 246 10.43 -16.54 25.41
N GLU B 247 9.15 -16.19 25.40
CA GLU B 247 8.10 -17.15 25.06
C GLU B 247 8.33 -17.85 23.71
N PHE B 248 8.76 -17.12 22.69
CA PHE B 248 8.88 -17.68 21.34
C PHE B 248 10.08 -18.62 21.16
N LYS B 249 11.15 -18.39 21.92
CA LYS B 249 12.27 -19.35 21.99
C LYS B 249 11.79 -20.73 22.43
N THR B 250 10.91 -20.74 23.44
CA THR B 250 10.35 -21.97 23.97
C THR B 250 9.32 -22.58 23.03
N LYS B 251 8.37 -21.76 22.59
CA LYS B 251 7.21 -22.23 21.83
C LYS B 251 7.54 -22.52 20.37
N TYR B 252 8.33 -21.66 19.73
CA TYR B 252 8.55 -21.78 18.28
C TYR B 252 10.00 -22.07 17.89
N LYS B 253 10.88 -22.08 18.89
CA LYS B 253 12.31 -22.36 18.70
C LYS B 253 12.99 -21.32 17.80
N ILE B 254 12.53 -20.09 17.89
CA ILE B 254 13.14 -18.95 17.19
C ILE B 254 13.54 -17.88 18.23
N ASP B 255 14.69 -17.28 18.03
CA ASP B 255 15.18 -16.23 18.91
C ASP B 255 15.20 -14.90 18.16
N ILE B 256 14.20 -14.07 18.43
CA ILE B 256 14.03 -12.76 17.75
C ILE B 256 15.13 -11.73 18.08
N ARG B 257 15.85 -11.96 19.19
CA ARG B 257 16.97 -11.09 19.58
C ARG B 257 18.18 -11.25 18.64
N GLU B 258 18.24 -12.37 17.92
CA GLU B 258 19.29 -12.61 16.94
C GLU B 258 19.00 -12.01 15.55
N ASN B 259 17.77 -11.57 15.32
CA ASN B 259 17.35 -11.05 14.02
C ASN B 259 16.59 -9.75 14.24
N PRO B 260 17.24 -8.60 13.92
CA PRO B 260 16.71 -7.24 14.17
C PRO B 260 15.37 -6.96 13.47
N LYS B 261 15.19 -7.52 12.28
CA LYS B 261 13.93 -7.39 11.54
C LYS B 261 12.79 -8.16 12.22
N ALA B 262 13.09 -9.39 12.65
CA ALA B 262 12.15 -10.18 13.44
C ALA B 262 11.76 -9.44 14.71
N TYR B 263 12.75 -8.83 15.36
CA TYR B 263 12.53 -8.11 16.60
C TYR B 263 11.60 -6.91 16.39
N ASN B 264 11.83 -6.18 15.31
CA ASN B 264 11.04 -5.00 14.97
C ASN B 264 9.62 -5.33 14.56
N ARG B 265 9.43 -6.50 13.93
CA ARG B 265 8.11 -7.00 13.60
C ARG B 265 7.25 -7.20 14.85
N ILE B 266 7.88 -7.69 15.92
CA ILE B 266 7.22 -7.92 17.20
C ILE B 266 7.03 -6.60 17.95
N LEU B 267 8.08 -5.78 17.98
CA LEU B 267 8.01 -4.45 18.60
C LEU B 267 6.85 -3.61 18.05
N THR B 268 6.73 -3.58 16.73
CA THR B 268 5.65 -2.90 16.03
C THR B 268 4.25 -3.44 16.43
N ALA B 269 4.11 -4.76 16.50
CA ALA B 269 2.84 -5.38 16.87
C ALA B 269 2.54 -5.23 18.36
N ALA B 270 3.60 -5.17 19.17
CA ALA B 270 3.48 -4.99 20.62
C ALA B 270 2.80 -3.67 20.99
N GLU B 271 3.11 -2.62 20.24
CA GLU B 271 2.44 -1.32 20.40
C GLU B 271 0.92 -1.43 20.18
N LYS B 272 0.51 -2.12 19.12
CA LYS B 272 -0.92 -2.35 18.84
C LYS B 272 -1.62 -3.12 19.96
N LEU B 273 -0.91 -4.10 20.52
CA LEU B 273 -1.42 -4.90 21.65
C LEU B 273 -1.58 -4.06 22.92
N LYS B 274 -0.58 -3.26 23.25
CA LYS B 274 -0.64 -2.29 24.36
C LYS B 274 -1.94 -1.45 24.33
N LYS B 275 -2.26 -0.90 23.17
CA LYS B 275 -3.46 -0.07 22.99
C LYS B 275 -4.77 -0.85 23.14
N VAL B 276 -4.79 -2.09 22.64
CA VAL B 276 -5.94 -2.95 22.86
C VAL B 276 -6.19 -3.11 24.37
N LEU B 277 -5.11 -3.20 25.15
CA LEU B 277 -5.20 -3.44 26.58
C LEU B 277 -5.51 -2.19 27.41
N SER B 278 -5.61 -1.04 26.75
CA SER B 278 -6.14 0.18 27.38
C SER B 278 -7.65 0.13 27.45
N ALA B 279 -8.25 -0.64 26.55
CA ALA B 279 -9.69 -0.77 26.45
C ALA B 279 -10.17 -2.11 27.03
N ASN B 280 -9.48 -3.21 26.65
CA ASN B 280 -9.87 -4.58 27.04
C ASN B 280 -8.90 -5.14 28.08
N THR B 281 -9.36 -6.12 28.86
CA THR B 281 -8.48 -6.75 29.86
C THR B 281 -7.70 -7.96 29.31
N ASN B 282 -8.10 -8.45 28.14
CA ASN B 282 -7.40 -9.53 27.42
C ASN B 282 -7.22 -9.19 25.93
N ALA B 283 -6.11 -9.67 25.35
CA ALA B 283 -5.81 -9.38 23.96
C ALA B 283 -5.08 -10.53 23.28
N PRO B 284 -5.49 -10.88 22.06
CA PRO B 284 -4.74 -11.91 21.32
C PRO B 284 -3.54 -11.31 20.64
N PHE B 285 -2.47 -12.08 20.48
CA PHE B 285 -1.26 -11.62 19.80
C PHE B 285 -0.90 -12.53 18.62
N SER B 286 -0.91 -11.97 17.43
CA SER B 286 -0.66 -12.76 16.23
C SER B 286 0.19 -11.99 15.21
N VAL B 287 1.32 -12.58 14.82
CA VAL B 287 2.18 -12.01 13.78
C VAL B 287 2.61 -13.08 12.78
N GLU B 288 2.38 -12.81 11.50
CA GLU B 288 2.75 -13.71 10.43
C GLU B 288 4.23 -13.53 10.05
N SER B 289 4.88 -14.63 9.64
CA SER B 289 6.29 -14.62 9.17
C SER B 289 7.26 -13.74 9.99
N VAL B 290 7.29 -13.94 11.30
CA VAL B 290 8.17 -13.19 12.19
C VAL B 290 9.64 -13.47 11.85
N MET B 291 9.98 -14.75 11.74
CA MET B 291 11.34 -15.20 11.56
C MET B 291 11.28 -16.56 10.93
N ASN B 292 12.10 -16.74 9.88
CA ASN B 292 12.17 -18.01 9.14
C ASN B 292 10.79 -18.47 8.66
N ASP B 293 9.91 -17.50 8.39
CA ASP B 293 8.53 -17.76 7.92
C ASP B 293 7.66 -18.53 8.94
N VAL B 294 8.02 -18.41 10.21
CA VAL B 294 7.25 -18.99 11.32
C VAL B 294 6.25 -17.93 11.78
N ASP B 295 4.96 -18.26 11.72
CA ASP B 295 3.91 -17.42 12.30
C ASP B 295 3.84 -17.69 13.79
N VAL B 296 3.65 -16.62 14.56
CA VAL B 296 3.50 -16.75 16.02
C VAL B 296 2.08 -16.36 16.45
N SER B 297 1.62 -16.98 17.54
CA SER B 297 0.27 -16.78 18.01
C SER B 297 0.21 -16.98 19.51
N SER B 298 -0.01 -15.88 20.22
CA SER B 298 -0.10 -15.88 21.67
C SER B 298 -1.19 -14.93 22.18
N GLN B 299 -1.08 -14.53 23.46
CA GLN B 299 -1.99 -13.54 24.05
C GLN B 299 -1.37 -12.93 25.31
N LEU B 300 -1.92 -11.80 25.74
CA LEU B 300 -1.49 -11.15 26.97
C LEU B 300 -2.66 -10.45 27.64
N SER B 301 -2.71 -10.52 28.96
CA SER B 301 -3.74 -9.86 29.72
C SER B 301 -3.25 -8.50 30.23
N ARG B 302 -4.18 -7.59 30.54
CA ARG B 302 -3.82 -6.33 31.19
C ARG B 302 -3.05 -6.57 32.49
N GLU B 303 -3.50 -7.53 33.29
CA GLU B 303 -2.82 -7.89 34.53
C GLU B 303 -1.38 -8.34 34.29
N GLU B 304 -1.17 -9.20 33.28
CA GLU B 304 0.18 -9.61 32.87
C GLU B 304 1.04 -8.44 32.39
N LEU B 305 0.44 -7.50 31.67
CA LEU B 305 1.16 -6.30 31.26
C LEU B 305 1.58 -5.42 32.46
N GLU B 306 0.65 -5.14 33.35
CA GLU B 306 0.96 -4.42 34.59
C GLU B 306 2.12 -5.07 35.37
N GLU B 307 2.17 -6.40 35.43
CA GLU B 307 3.30 -7.14 36.02
C GLU B 307 4.65 -6.95 35.28
N LEU B 308 4.64 -6.97 33.96
CA LEU B 308 5.85 -6.74 33.15
C LEU B 308 6.51 -5.37 33.37
N VAL B 309 5.70 -4.37 33.74
CA VAL B 309 6.22 -3.03 33.93
C VAL B 309 6.29 -2.62 35.41
N LYS B 310 6.15 -3.58 36.30
CA LYS B 310 6.18 -3.36 37.76
C LYS B 310 7.35 -2.45 38.20
N PRO B 311 8.61 -2.78 37.83
CA PRO B 311 9.75 -1.92 38.18
C PRO B 311 9.63 -0.46 37.73
N LEU B 312 8.95 -0.24 36.61
CA LEU B 312 8.70 1.09 36.10
C LEU B 312 7.64 1.77 36.94
N LEU B 313 6.57 1.04 37.26
CA LEU B 313 5.45 1.57 38.04
C LEU B 313 5.76 1.89 39.51
N GLU B 314 6.91 1.44 40.01
CA GLU B 314 7.39 1.85 41.33
C GLU B 314 7.65 3.37 41.40
N ARG B 315 7.93 3.97 40.25
CA ARG B 315 8.28 5.39 40.15
C ARG B 315 7.10 6.28 39.75
N VAL B 316 5.90 5.72 39.68
CA VAL B 316 4.78 6.40 39.01
C VAL B 316 4.24 7.68 39.71
N THR B 317 4.44 7.83 41.02
CA THR B 317 3.97 9.02 41.72
C THR B 317 5.06 10.09 41.94
N GLU B 318 6.30 9.74 41.61
CA GLU B 318 7.45 10.61 41.87
C GLU B 318 7.36 11.99 41.21
N PRO B 319 7.04 12.09 39.88
CA PRO B 319 6.93 13.44 39.30
C PRO B 319 5.86 14.33 39.95
N VAL B 320 4.73 13.76 40.35
CA VAL B 320 3.71 14.57 41.03
C VAL B 320 4.14 15.00 42.43
N THR B 321 4.80 14.09 43.14
CA THR B 321 5.32 14.38 44.48
C THR B 321 6.37 15.49 44.47
N LYS B 322 7.29 15.43 43.52
CA LYS B 322 8.36 16.41 43.36
C LYS B 322 7.89 17.77 42.85
N ALA B 323 6.87 17.79 41.98
CA ALA B 323 6.34 19.06 41.46
C ALA B 323 5.60 19.80 42.57
N LEU B 324 4.76 19.07 43.32
CA LEU B 324 4.07 19.61 44.49
C LEU B 324 5.03 20.15 45.55
N ALA B 325 6.14 19.45 45.79
CA ALA B 325 7.13 19.91 46.77
C ALA B 325 7.84 21.18 46.30
N GLN B 326 8.14 21.26 45.00
CA GLN B 326 8.73 22.48 44.43
C GLN B 326 7.76 23.67 44.50
N ALA B 327 6.49 23.43 44.16
CA ALA B 327 5.41 24.41 44.25
C ALA B 327 5.06 24.80 45.68
N LYS B 328 5.52 24.00 46.65
CA LYS B 328 5.18 24.14 48.06
C LYS B 328 3.67 24.07 48.28
N LEU B 329 3.04 23.10 47.62
CA LEU B 329 1.61 22.86 47.75
C LEU B 329 1.37 21.43 48.17
N SER B 330 0.33 21.20 48.97
CA SER B 330 -0.19 19.85 49.15
C SER B 330 -1.12 19.53 47.98
N ALA B 331 -1.37 18.23 47.73
CA ALA B 331 -2.18 17.81 46.59
C ALA B 331 -3.58 18.42 46.53
N GLU B 332 -4.18 18.67 47.69
CA GLU B 332 -5.57 19.19 47.77
C GLU B 332 -5.69 20.69 47.43
N GLU B 333 -4.56 21.39 47.37
CA GLU B 333 -4.52 22.79 46.98
C GLU B 333 -4.53 23.01 45.47
N VAL B 334 -4.40 21.94 44.68
CA VAL B 334 -4.56 22.06 43.23
C VAL B 334 -6.03 21.90 42.87
N ASP B 335 -6.51 22.75 41.97
CA ASP B 335 -7.93 22.79 41.66
C ASP B 335 -8.30 21.77 40.57
N PHE B 336 -7.45 21.63 39.55
CA PHE B 336 -7.71 20.70 38.46
C PHE B 336 -6.46 19.94 38.05
N VAL B 337 -6.64 18.69 37.61
CA VAL B 337 -5.55 17.88 37.05
C VAL B 337 -5.89 17.59 35.60
N GLU B 338 -5.04 18.04 34.69
CA GLU B 338 -5.26 17.88 33.25
C GLU B 338 -4.22 16.93 32.66
N ILE B 339 -4.67 15.99 31.83
CA ILE B 339 -3.77 15.00 31.24
C ILE B 339 -3.65 15.17 29.72
N ILE B 340 -2.44 14.99 29.22
CA ILE B 340 -2.18 15.01 27.78
C ILE B 340 -1.12 13.94 27.52
N GLY B 341 -0.85 13.65 26.24
CA GLY B 341 0.14 12.64 25.87
C GLY B 341 -0.51 11.28 25.68
N GLY B 342 0.00 10.51 24.72
CA GLY B 342 -0.63 9.24 24.34
C GLY B 342 -0.74 8.19 25.44
N THR B 343 0.26 8.17 26.33
CA THR B 343 0.39 7.11 27.30
C THR B 343 -0.51 7.31 28.55
N THR B 344 -1.04 8.52 28.72
CA THR B 344 -2.05 8.78 29.75
C THR B 344 -3.36 8.04 29.45
N ARG B 345 -3.41 7.33 28.31
CA ARG B 345 -4.54 6.45 28.02
C ARG B 345 -4.49 5.10 28.77
N ILE B 346 -3.38 4.81 29.42
CA ILE B 346 -3.24 3.53 30.12
C ILE B 346 -3.93 3.58 31.48
N PRO B 347 -4.96 2.73 31.68
CA PRO B 347 -5.76 2.67 32.91
C PRO B 347 -4.99 2.70 34.24
N THR B 348 -3.91 1.93 34.34
CA THR B 348 -3.15 1.89 35.58
C THR B 348 -2.51 3.25 35.89
N LEU B 349 -2.09 3.95 34.84
CA LEU B 349 -1.43 5.25 34.98
C LEU B 349 -2.43 6.31 35.44
N LYS B 350 -3.63 6.31 34.87
CA LYS B 350 -4.68 7.25 35.25
C LYS B 350 -5.15 7.09 36.67
N GLN B 351 -5.28 5.84 37.10
CA GLN B 351 -5.66 5.52 38.44
C GLN B 351 -4.62 6.04 39.44
N SER B 352 -3.33 5.75 39.15
CA SER B 352 -2.22 6.16 39.99
C SER B 352 -2.10 7.68 40.10
N ILE B 353 -2.18 8.39 38.97
CA ILE B 353 -2.04 9.84 39.07
C ILE B 353 -3.27 10.51 39.73
N SER B 354 -4.46 9.96 39.50
CA SER B 354 -5.68 10.41 40.19
C SER B 354 -5.61 10.18 41.71
N GLU B 355 -5.04 9.05 42.13
CA GLU B 355 -4.83 8.77 43.56
C GLU B 355 -3.81 9.72 44.21
N ALA B 356 -2.74 10.05 43.49
CA ALA B 356 -1.67 10.91 44.01
C ALA B 356 -2.13 12.36 44.23
N PHE B 357 -3.08 12.83 43.41
CA PHE B 357 -3.65 14.17 43.57
C PHE B 357 -4.87 14.22 44.48
N GLY B 358 -5.59 13.09 44.57
CA GLY B 358 -6.86 13.04 45.29
C GLY B 358 -7.99 13.69 44.49
N LYS B 359 -7.92 13.58 43.16
CA LYS B 359 -8.82 14.29 42.23
C LYS B 359 -9.07 13.51 40.95
N PRO B 360 -10.33 13.52 40.46
CA PRO B 360 -10.58 13.04 39.10
C PRO B 360 -9.74 13.78 38.04
N LEU B 361 -9.46 13.10 36.94
CA LEU B 361 -8.66 13.68 35.86
C LEU B 361 -9.53 14.40 34.84
N SER B 362 -9.07 15.57 34.41
CA SER B 362 -9.76 16.35 33.41
C SER B 362 -9.10 16.17 32.04
N THR B 363 -9.91 16.28 30.98
CA THR B 363 -9.42 16.19 29.62
C THR B 363 -9.91 17.42 28.82
N THR B 364 -9.74 18.60 29.42
CA THR B 364 -10.03 19.87 28.77
C THR B 364 -9.20 20.06 27.49
N LEU B 365 -7.92 19.71 27.55
CA LEU B 365 -7.04 19.94 26.44
C LEU B 365 -7.04 18.76 25.48
N ASN B 366 -6.88 19.06 24.20
CA ASN B 366 -6.66 18.00 23.24
C ASN B 366 -5.35 17.27 23.54
N GLN B 367 -5.48 15.95 23.72
CA GLN B 367 -4.41 15.05 24.14
C GLN B 367 -3.13 15.17 23.29
N ASP B 368 -3.30 15.44 22.00
CA ASP B 368 -2.20 15.39 21.02
C ASP B 368 -1.78 16.74 20.41
N GLU B 369 -2.68 17.73 20.47
CA GLU B 369 -2.50 18.99 19.75
C GLU B 369 -2.17 20.20 20.64
N ALA B 370 -2.43 20.10 21.95
CA ALA B 370 -2.24 21.25 22.88
C ALA B 370 -0.85 21.89 22.85
N ILE B 371 0.19 21.07 22.84
CA ILE B 371 1.57 21.54 22.84
C ILE B 371 1.92 22.27 21.55
N ALA B 372 1.63 21.66 20.40
CA ALA B 372 1.90 22.27 19.09
C ALA B 372 1.15 23.59 18.94
N LYS B 373 -0.13 23.61 19.35
CA LYS B 373 -0.93 24.83 19.28
C LYS B 373 -0.40 25.94 20.20
N GLY B 374 -0.01 25.59 21.43
CA GLY B 374 0.60 26.55 22.33
C GLY B 374 1.86 27.14 21.73
N ALA B 375 2.66 26.27 21.09
CA ALA B 375 3.90 26.68 20.43
C ALA B 375 3.68 27.64 19.24
N ALA B 376 2.62 27.41 18.45
CA ALA B 376 2.26 28.30 17.35
C ALA B 376 1.77 29.66 17.83
N PHE B 377 1.05 29.66 18.96
CA PHE B 377 0.59 30.90 19.55
C PHE B 377 1.80 31.70 20.06
N ILE B 378 2.74 31.02 20.69
CA ILE B 378 3.94 31.67 21.21
C ILE B 378 4.77 32.25 20.07
N CYS B 379 4.88 31.50 18.98
CA CYS B 379 5.57 31.96 17.77
C CYS B 379 4.87 33.21 17.20
N ALA B 380 3.54 33.29 17.37
CA ALA B 380 2.72 34.39 16.87
C ALA B 380 2.73 35.66 17.73
N ILE B 381 2.98 35.52 19.04
CA ILE B 381 3.09 36.69 19.92
C ILE B 381 4.37 37.44 19.59
N HIS B 382 5.38 36.71 19.15
CA HIS B 382 6.63 37.31 18.77
C HIS B 382 6.46 38.12 17.48
N SER B 383 6.30 37.42 16.36
CA SER B 383 6.15 38.01 15.03
C SER B 383 5.28 39.28 14.98
N PRO B 384 5.89 40.39 14.54
CA PRO B 384 5.23 41.70 14.50
C PRO B 384 4.34 41.93 13.27
N THR B 385 3.77 40.84 12.73
CA THR B 385 2.83 40.91 11.62
C THR B 385 1.38 40.71 12.10
N LEU B 386 1.13 39.59 12.79
CA LEU B 386 -0.18 39.27 13.37
C LEU B 386 -0.30 39.77 14.82
N ARG B 387 -1.41 40.43 15.11
CA ARG B 387 -1.74 40.85 16.48
C ARG B 387 -2.79 39.90 17.08
N VAL B 388 -2.46 39.33 18.24
CA VAL B 388 -3.38 38.44 18.98
C VAL B 388 -3.62 39.06 20.37
N ARG B 389 -4.64 38.57 21.08
CA ARG B 389 -4.84 38.93 22.48
C ARG B 389 -3.69 38.36 23.33
N PRO B 390 -2.99 39.23 24.07
CA PRO B 390 -1.76 38.88 24.79
C PRO B 390 -1.95 37.83 25.90
N PHE B 391 -0.94 37.00 26.06
CA PHE B 391 -0.91 36.03 27.14
C PHE B 391 0.51 35.97 27.68
N LYS B 392 0.66 36.32 28.96
CA LYS B 392 1.96 36.34 29.62
C LYS B 392 2.20 35.03 30.35
N PHE B 393 3.42 34.53 30.28
CA PHE B 393 3.77 33.32 31.01
C PHE B 393 5.18 33.32 31.55
N GLU B 394 5.32 32.93 32.81
CA GLU B 394 6.61 32.80 33.47
C GLU B 394 6.86 31.31 33.74
N ASP B 395 8.02 30.82 33.31
CA ASP B 395 8.40 29.45 33.57
C ASP B 395 9.39 29.43 34.72
N ILE B 396 9.60 28.27 35.32
CA ILE B 396 10.40 28.15 36.53
C ILE B 396 11.85 27.84 36.22
N HIS B 397 12.75 28.51 36.96
CA HIS B 397 14.18 28.43 36.80
C HIS B 397 14.72 27.69 38.02
N PRO B 398 14.89 26.35 37.92
CA PRO B 398 15.06 25.48 39.10
C PRO B 398 16.45 25.54 39.74
N TYR B 399 17.48 25.79 38.94
CA TYR B 399 18.86 25.79 39.44
C TYR B 399 19.39 27.21 39.60
N SER B 400 20.18 27.40 40.65
CA SER B 400 20.80 28.70 40.92
C SER B 400 21.93 28.93 39.95
N VAL B 401 21.97 30.12 39.36
CA VAL B 401 23.02 30.47 38.38
C VAL B 401 23.79 31.71 38.82
N SER B 402 25.10 31.55 38.92
CA SER B 402 26.01 32.64 39.29
C SER B 402 26.79 33.14 38.08
N TYR B 403 27.19 34.41 38.15
CA TYR B 403 28.05 35.02 37.16
C TYR B 403 29.35 35.40 37.86
N SER B 404 30.48 35.22 37.18
CA SER B 404 31.79 35.56 37.71
C SER B 404 32.52 36.51 36.76
N TRP B 405 33.54 37.19 37.28
CA TRP B 405 34.30 38.17 36.49
C TRP B 405 35.74 38.34 37.07
N ASP B 406 36.64 38.99 36.30
CA ASP B 406 38.02 39.20 36.77
C ASP B 406 37.99 40.08 38.03
N LYS B 407 38.69 39.62 39.08
CA LYS B 407 38.71 40.32 40.37
C LYS B 407 38.92 41.84 40.19
N GLN B 408 40.04 42.22 39.56
CA GLN B 408 40.43 43.62 39.36
C GLN B 408 40.26 44.45 40.66
N VAL B 409 39.58 45.70 40.45
CA VAL B 409 39.37 46.61 41.57
C VAL B 409 38.20 46.20 42.48
N GLU B 410 37.31 45.36 41.96
CA GLU B 410 36.13 44.89 42.71
C GLU B 410 36.50 44.01 43.91
N ASP B 411 35.69 44.08 44.96
CA ASP B 411 35.89 43.28 46.17
C ASP B 411 35.69 41.78 45.90
N GLU B 412 34.54 41.42 45.35
CA GLU B 412 34.24 40.04 44.98
C GLU B 412 34.32 39.85 43.46
N ASP B 413 34.44 38.59 43.02
CA ASP B 413 34.58 38.24 41.61
C ASP B 413 33.45 37.29 41.15
N HIS B 414 32.29 37.45 41.77
CA HIS B 414 31.44 36.31 42.08
C HIS B 414 30.11 36.88 42.56
N MET B 415 29.01 36.29 42.09
CA MET B 415 27.66 36.75 42.44
C MET B 415 26.58 35.79 41.91
N GLU B 416 25.64 35.41 42.78
CA GLU B 416 24.42 34.74 42.34
C GLU B 416 23.52 35.76 41.65
N VAL B 417 22.98 35.39 40.51
CA VAL B 417 22.20 36.33 39.69
C VAL B 417 20.77 35.85 39.52
N PHE B 418 20.61 34.59 39.10
CA PHE B 418 19.30 34.00 38.92
C PHE B 418 19.16 32.83 39.89
N PRO B 419 18.46 33.06 41.02
CA PRO B 419 18.34 32.06 42.07
C PRO B 419 17.51 30.84 41.66
N ALA B 420 17.66 29.76 42.42
CA ALA B 420 16.86 28.56 42.27
C ALA B 420 15.39 28.90 42.53
N GLY B 421 14.50 28.42 41.66
CA GLY B 421 13.06 28.63 41.84
C GLY B 421 12.56 30.03 41.49
N SER B 422 13.42 30.84 40.87
CA SER B 422 12.99 32.10 40.27
C SER B 422 12.30 31.80 38.93
N SER B 423 12.04 32.84 38.15
CA SER B 423 11.31 32.70 36.90
C SER B 423 12.11 33.21 35.73
N PHE B 424 11.84 32.66 34.55
CA PHE B 424 12.39 33.22 33.32
C PHE B 424 11.26 33.53 32.33
N PRO B 425 11.48 34.48 31.42
CA PRO B 425 12.69 35.31 31.25
C PRO B 425 12.92 36.32 32.38
N SER B 426 14.17 36.65 32.60
CA SER B 426 14.54 37.58 33.66
C SER B 426 15.77 38.37 33.24
N THR B 427 15.78 39.64 33.61
CA THR B 427 16.89 40.54 33.32
C THR B 427 17.42 41.16 34.61
N LYS B 428 18.74 41.14 34.78
CA LYS B 428 19.39 41.74 35.93
C LYS B 428 20.45 42.73 35.48
N LEU B 429 20.40 43.94 36.04
CA LEU B 429 21.42 44.94 35.79
C LEU B 429 22.40 44.93 36.94
N ILE B 430 23.69 44.86 36.61
CA ILE B 430 24.77 44.92 37.60
C ILE B 430 25.77 46.01 37.22
N THR B 431 26.40 46.62 38.22
CA THR B 431 27.47 47.58 38.00
C THR B 431 28.81 47.02 38.47
N LEU B 432 29.82 47.13 37.60
CA LEU B 432 31.17 46.61 37.88
C LEU B 432 32.25 47.66 37.62
N ASN B 433 33.03 47.97 38.66
CA ASN B 433 34.18 48.90 38.55
C ASN B 433 35.38 48.19 37.90
N ARG B 434 35.87 48.73 36.77
CA ARG B 434 36.88 48.01 35.95
C ARG B 434 38.21 48.73 35.75
N THR B 435 39.30 47.96 35.74
CA THR B 435 40.64 48.49 35.43
C THR B 435 41.16 47.98 34.08
N GLY B 436 40.26 47.49 33.23
CA GLY B 436 40.62 47.01 31.89
C GLY B 436 39.67 45.99 31.28
N ASP B 437 39.90 45.70 30.00
CA ASP B 437 39.15 44.67 29.28
C ASP B 437 39.12 43.37 30.08
N PHE B 438 37.94 42.79 30.24
CA PHE B 438 37.74 41.71 31.21
C PHE B 438 36.90 40.53 30.74
N SER B 439 37.14 39.37 31.36
CA SER B 439 36.39 38.15 31.08
C SER B 439 35.27 37.94 32.10
N MET B 440 34.20 37.29 31.65
CA MET B 440 33.08 36.91 32.50
C MET B 440 32.67 35.46 32.23
N ALA B 441 31.94 34.86 33.16
CA ALA B 441 31.42 33.51 32.99
C ALA B 441 30.14 33.32 33.80
N ALA B 442 29.22 32.54 33.25
CA ALA B 442 28.04 32.08 33.98
C ALA B 442 28.27 30.63 34.33
N SER B 443 27.81 30.23 35.52
CA SER B 443 27.95 28.85 35.99
C SER B 443 26.90 28.52 37.05
N TYR B 444 26.64 27.23 37.24
CA TYR B 444 25.72 26.78 38.29
C TYR B 444 26.34 26.96 39.66
N THR B 445 25.59 27.60 40.56
CA THR B 445 26.09 27.95 41.89
C THR B 445 26.38 26.71 42.74
N ASP B 446 25.54 25.70 42.60
CA ASP B 446 25.65 24.47 43.39
C ASP B 446 25.44 23.29 42.46
N ILE B 447 26.54 22.71 42.01
CA ILE B 447 26.52 21.63 41.02
C ILE B 447 25.85 20.34 41.53
N THR B 448 25.85 20.15 42.85
CA THR B 448 25.27 18.96 43.47
C THR B 448 23.75 18.90 43.26
N GLN B 449 23.16 20.04 42.89
CA GLN B 449 21.72 20.14 42.65
C GLN B 449 21.34 19.82 41.20
N LEU B 450 22.36 19.60 40.36
CA LEU B 450 22.16 19.32 38.96
C LEU B 450 22.26 17.83 38.61
N PRO B 451 21.74 17.42 37.44
CA PRO B 451 21.86 16.04 36.99
C PRO B 451 23.33 15.59 37.02
N PRO B 452 23.58 14.29 37.26
CA PRO B 452 24.97 13.87 37.37
C PRO B 452 25.79 14.21 36.13
N ASN B 453 27.08 14.52 36.35
CA ASN B 453 28.04 14.83 35.28
C ASN B 453 27.75 16.12 34.48
N THR B 454 27.01 17.05 35.07
CA THR B 454 26.77 18.33 34.43
C THR B 454 28.04 19.18 34.59
N PRO B 455 28.56 19.73 33.46
CA PRO B 455 29.67 20.68 33.55
C PRO B 455 29.22 21.91 34.31
N GLU B 456 30.10 22.46 35.11
CA GLU B 456 29.76 23.57 35.97
C GLU B 456 29.56 24.89 35.21
N GLN B 457 30.37 25.11 34.17
CA GLN B 457 30.26 26.33 33.39
C GLN B 457 29.16 26.23 32.34
N ILE B 458 28.34 27.28 32.27
CA ILE B 458 27.26 27.38 31.31
C ILE B 458 27.76 28.08 30.03
N ALA B 459 28.41 29.23 30.22
CA ALA B 459 28.95 30.03 29.13
C ALA B 459 29.99 31.02 29.65
N ASN B 460 30.78 31.59 28.73
CA ASN B 460 31.74 32.65 29.07
C ASN B 460 31.85 33.73 28.00
N TRP B 461 32.36 34.89 28.40
CA TRP B 461 32.43 36.07 27.54
C TRP B 461 33.75 36.79 27.73
N GLU B 462 34.27 37.35 26.64
CA GLU B 462 35.35 38.34 26.71
C GLU B 462 34.76 39.70 26.37
N ILE B 463 35.24 40.74 27.06
CA ILE B 463 34.80 42.11 26.78
C ILE B 463 35.99 42.97 26.37
N THR B 464 35.87 43.56 25.18
CA THR B 464 36.93 44.38 24.60
C THR B 464 36.45 45.81 24.38
N GLN B 467 36.58 49.99 25.57
CA GLN B 467 36.79 50.13 27.01
C GLN B 467 37.99 51.05 27.32
N LEU B 468 37.70 52.33 27.51
CA LEU B 468 38.73 53.33 27.80
C LEU B 468 38.65 53.76 29.26
N PRO B 469 39.76 53.62 29.98
CA PRO B 469 39.84 53.91 31.42
C PRO B 469 39.30 55.28 31.82
N GLU B 470 39.33 56.23 30.88
CA GLU B 470 38.93 57.62 31.09
C GLU B 470 39.82 58.31 32.13
N GLY B 471 41.11 57.94 32.11
CA GLY B 471 42.16 58.57 32.93
C GLY B 471 41.95 58.66 34.43
N GLN B 472 41.04 57.83 34.96
CA GLN B 472 40.69 57.87 36.38
C GLN B 472 40.78 56.49 37.06
N ASP B 473 41.85 55.76 36.73
CA ASP B 473 42.15 54.43 37.31
C ASP B 473 41.11 53.32 36.98
N SER B 474 39.85 53.54 37.35
CA SER B 474 38.80 52.53 37.15
C SER B 474 37.49 53.09 36.58
N VAL B 475 37.07 52.58 35.42
CA VAL B 475 35.80 52.96 34.80
C VAL B 475 34.68 51.97 35.19
N PRO B 476 33.52 52.51 35.60
CA PRO B 476 32.36 51.66 35.91
C PRO B 476 31.62 51.21 34.65
N VAL B 477 31.36 49.91 34.54
CA VAL B 477 30.58 49.40 33.41
C VAL B 477 29.28 48.75 33.88
N LYS B 478 28.18 49.13 33.23
CA LYS B 478 26.89 48.50 33.51
C LYS B 478 26.70 47.33 32.57
N LEU B 479 26.26 46.20 33.13
CA LEU B 479 25.95 45.02 32.34
C LEU B 479 24.51 44.56 32.51
N LYS B 480 23.94 44.11 31.39
CA LYS B 480 22.59 43.60 31.35
C LYS B 480 22.72 42.09 31.15
N LEU B 481 22.49 41.36 32.24
CA LEU B 481 22.53 39.91 32.23
C LEU B 481 21.11 39.40 32.07
N ARG B 482 20.92 38.42 31.19
CA ARG B 482 19.58 37.91 30.88
C ARG B 482 19.48 36.39 30.92
N CYS B 483 18.42 35.89 31.54
CA CYS B 483 17.92 34.56 31.30
C CYS B 483 16.79 34.76 30.29
N ASP B 484 16.99 34.31 29.05
CA ASP B 484 16.11 34.72 27.95
C ASP B 484 14.81 33.91 27.94
N PRO B 485 13.85 34.25 27.04
CA PRO B 485 12.59 33.48 26.97
C PRO B 485 12.73 31.96 26.77
N SER B 486 13.89 31.50 26.27
CA SER B 486 14.18 30.06 26.12
C SER B 486 14.88 29.45 27.33
N GLY B 487 15.17 30.28 28.34
CA GLY B 487 15.88 29.86 29.54
C GLY B 487 17.40 29.85 29.40
N LEU B 488 17.92 30.56 28.40
CA LEU B 488 19.35 30.60 28.14
C LEU B 488 20.00 31.84 28.76
N HIS B 489 21.21 31.66 29.27
CA HIS B 489 21.91 32.70 30.03
C HIS B 489 22.93 33.43 29.18
N THR B 490 22.68 34.72 29.01
CA THR B 490 23.47 35.54 28.11
C THR B 490 23.88 36.83 28.81
N ILE B 491 24.72 37.59 28.12
CA ILE B 491 24.97 39.00 28.44
C ILE B 491 24.47 39.79 27.24
N GLU B 492 23.40 40.57 27.45
CA GLU B 492 22.78 41.37 26.40
C GLU B 492 23.56 42.64 26.07
N GLU B 493 23.89 43.41 27.10
CA GLU B 493 24.37 44.80 26.96
C GLU B 493 25.58 45.05 27.87
N ALA B 494 26.58 45.75 27.35
CA ALA B 494 27.75 46.17 28.17
C ALA B 494 28.28 47.52 27.71
N TYR B 495 28.33 48.49 28.64
CA TYR B 495 28.75 49.85 28.31
C TYR B 495 29.32 50.65 29.50
N THR B 496 30.32 51.48 29.23
CA THR B 496 30.90 52.36 30.25
C THR B 496 29.97 53.53 30.58
N ILE B 497 29.94 53.93 31.84
CA ILE B 497 29.23 55.15 32.26
C ILE B 497 30.20 56.17 32.86
N GLU B 498 29.82 57.44 32.74
CA GLU B 498 30.60 58.55 33.29
C GLU B 498 29.70 59.59 33.96
N ASP B 499 30.26 60.29 34.94
CA ASP B 499 29.50 61.28 35.72
C ASP B 499 29.54 62.67 35.09
N ILE B 500 30.27 62.78 33.98
CA ILE B 500 30.54 64.05 33.27
C ILE B 500 29.33 65.00 33.13
N GLU B 501 28.14 64.43 32.91
CA GLU B 501 26.91 65.21 32.83
C GLU B 501 26.43 65.65 34.21
N LYS B 525 25.32 62.74 35.04
CA LYS B 525 25.66 61.66 35.95
C LYS B 525 25.28 60.29 35.39
N THR B 526 24.17 60.24 34.66
CA THR B 526 23.68 59.00 34.07
C THR B 526 24.03 58.89 32.58
N VAL B 527 24.88 59.79 32.09
CA VAL B 527 25.32 59.79 30.70
C VAL B 527 26.21 58.59 30.37
N LYS B 528 25.74 57.74 29.46
CA LYS B 528 26.52 56.60 28.97
C LYS B 528 27.73 57.08 28.18
N LYS B 529 28.85 56.36 28.31
CA LYS B 529 30.07 56.70 27.57
C LYS B 529 30.20 55.92 26.26
N ASP B 530 30.63 54.66 26.34
CA ASP B 530 30.90 53.86 25.15
C ASP B 530 30.30 52.45 25.22
N ASP B 531 29.65 52.03 24.13
CA ASP B 531 29.18 50.64 24.01
C ASP B 531 30.36 49.71 23.73
N LEU B 532 30.48 48.67 24.56
CA LEU B 532 31.62 47.74 24.49
C LEU B 532 31.30 46.48 23.66
N THR B 533 32.34 45.89 23.08
CA THR B 533 32.20 44.68 22.28
C THR B 533 32.21 43.43 23.16
N ILE B 534 31.25 42.54 22.89
CA ILE B 534 31.10 41.29 23.63
C ILE B 534 31.41 40.11 22.70
N VAL B 535 32.36 39.26 23.09
CA VAL B 535 32.59 37.99 22.42
C VAL B 535 31.99 36.88 23.30
N ALA B 536 31.00 36.17 22.77
CA ALA B 536 30.28 35.15 23.55
C ALA B 536 30.66 33.75 23.14
N HIS B 537 30.85 32.89 24.14
CA HIS B 537 31.14 31.47 23.89
C HIS B 537 30.05 30.65 24.54
N THR B 538 29.14 30.13 23.73
CA THR B 538 28.00 29.39 24.24
C THR B 538 28.03 27.95 23.71
N PHE B 539 27.03 27.16 24.06
CA PHE B 539 26.83 25.85 23.45
C PHE B 539 26.40 25.99 21.98
N GLY B 540 26.02 27.20 21.58
CA GLY B 540 25.64 27.50 20.19
C GLY B 540 26.80 27.46 19.22
N LEU B 541 26.53 26.94 18.02
CA LEU B 541 27.50 26.84 16.94
C LEU B 541 27.90 28.22 16.43
N ASP B 542 29.15 28.32 15.99
CA ASP B 542 29.70 29.54 15.40
C ASP B 542 29.23 29.68 13.96
N ALA B 543 29.34 30.90 13.41
CA ALA B 543 28.89 31.17 12.05
C ALA B 543 29.49 30.22 11.01
N LYS B 544 30.80 29.99 11.09
CA LYS B 544 31.53 29.13 10.16
C LYS B 544 30.99 27.70 10.10
N LYS B 545 30.75 27.09 11.27
CA LYS B 545 30.32 25.72 11.38
C LYS B 545 28.84 25.56 10.97
N LEU B 546 28.01 26.51 11.40
CA LEU B 546 26.60 26.58 10.98
C LEU B 546 26.46 26.61 9.46
N ASN B 547 27.21 27.51 8.81
CA ASN B 547 27.14 27.66 7.36
C ASN B 547 27.62 26.44 6.58
N GLU B 548 28.56 25.71 7.15
CA GLU B 548 29.01 24.42 6.60
C GLU B 548 27.87 23.40 6.65
N LEU B 549 27.19 23.31 7.79
CA LEU B 549 26.12 22.34 7.96
C LEU B 549 24.86 22.73 7.17
N ILE B 550 24.63 24.03 7.02
CA ILE B 550 23.54 24.57 6.21
C ILE B 550 23.72 24.13 4.78
N GLU B 551 24.93 24.34 4.26
CA GLU B 551 25.27 23.95 2.88
C GLU B 551 25.11 22.44 2.63
N LYS B 552 25.53 21.63 3.61
CA LYS B 552 25.34 20.18 3.53
C LYS B 552 23.86 19.80 3.44
N GLU B 553 23.03 20.38 4.31
CA GLU B 553 21.59 20.14 4.30
C GLU B 553 20.97 20.58 2.98
N ASN B 554 21.41 21.72 2.45
CA ASN B 554 20.96 22.18 1.13
C ASN B 554 21.29 21.20 -0.01
N GLU B 555 22.48 20.61 0.02
CA GLU B 555 22.85 19.61 -0.99
C GLU B 555 21.95 18.37 -0.90
N MET B 556 21.77 17.83 0.30
CA MET B 556 20.96 16.64 0.49
C MET B 556 19.50 16.88 0.09
N LEU B 557 18.98 18.06 0.46
CA LEU B 557 17.60 18.44 0.18
C LEU B 557 17.35 18.61 -1.32
N ALA B 558 18.29 19.23 -2.03
CA ALA B 558 18.23 19.37 -3.49
C ALA B 558 18.27 18.01 -4.21
N GLN B 559 19.09 17.09 -3.69
CA GLN B 559 19.16 15.73 -4.22
C GLN B 559 17.83 15.02 -4.02
N ASP B 560 17.21 15.15 -2.85
CA ASP B 560 15.86 14.65 -2.57
C ASP B 560 14.78 15.20 -3.54
N LYS B 561 14.76 16.52 -3.75
CA LYS B 561 13.81 17.14 -4.68
C LYS B 561 14.03 16.62 -6.12
N LEU B 562 15.29 16.58 -6.56
CA LEU B 562 15.61 16.11 -7.91
C LEU B 562 15.14 14.66 -8.16
N VAL B 563 15.44 13.76 -7.23
CA VAL B 563 15.05 12.35 -7.31
C VAL B 563 13.54 12.19 -7.36
N ALA B 564 12.83 12.92 -6.48
CA ALA B 564 11.37 12.88 -6.48
C ALA B 564 10.74 13.40 -7.79
N GLU B 565 11.23 14.52 -8.30
CA GLU B 565 10.79 15.09 -9.58
C GLU B 565 11.05 14.14 -10.75
N THR B 566 12.28 13.64 -10.85
CA THR B 566 12.63 12.66 -11.86
C THR B 566 11.71 11.42 -11.89
N GLU B 567 11.41 10.86 -10.70
CA GLU B 567 10.52 9.71 -10.55
C GLU B 567 9.09 10.01 -11.00
N ASP B 568 8.62 11.21 -10.65
CA ASP B 568 7.33 11.72 -11.06
C ASP B 568 7.22 11.81 -12.60
N ARG B 569 8.25 12.33 -13.26
CA ARG B 569 8.26 12.44 -14.72
C ARG B 569 8.36 11.07 -15.39
N LYS B 570 9.06 10.14 -14.75
CA LYS B 570 9.12 8.77 -15.25
C LYS B 570 7.73 8.11 -15.16
N ASN B 571 7.08 8.24 -14.00
CA ASN B 571 5.76 7.68 -13.77
C ASN B 571 4.71 8.24 -14.73
N THR B 572 4.76 9.55 -14.93
CA THR B 572 3.92 10.26 -15.87
C THR B 572 4.09 9.72 -17.31
N LEU B 573 5.32 9.53 -17.75
CA LEU B 573 5.59 8.86 -19.03
C LEU B 573 5.00 7.44 -19.09
N GLU B 574 5.33 6.62 -18.10
CA GLU B 574 4.80 5.26 -18.04
C GLU B 574 3.27 5.21 -18.11
N GLU B 575 2.61 6.02 -17.29
CA GLU B 575 1.16 6.05 -17.22
C GLU B 575 0.53 6.53 -18.52
N TYR B 576 1.23 7.44 -19.21
CA TYR B 576 0.77 7.99 -20.47
C TYR B 576 0.84 6.96 -21.58
N ILE B 577 1.91 6.18 -21.60
CA ILE B 577 2.01 5.07 -22.54
C ILE B 577 0.82 4.12 -22.35
N TYR B 578 0.58 3.73 -21.10
CA TYR B 578 -0.52 2.84 -20.74
C TYR B 578 -1.89 3.36 -21.20
N THR B 579 -2.22 4.60 -20.81
CA THR B 579 -3.56 5.13 -21.12
C THR B 579 -3.77 5.51 -22.58
N LEU B 580 -2.72 5.96 -23.26
CA LEU B 580 -2.82 6.31 -24.68
C LEU B 580 -3.02 5.08 -25.58
N ARG B 581 -2.38 3.97 -25.22
CA ARG B 581 -2.55 2.71 -25.94
C ARG B 581 -3.98 2.19 -25.83
N GLY B 582 -4.53 2.27 -24.61
CA GLY B 582 -5.93 1.92 -24.35
C GLY B 582 -6.93 2.78 -25.11
N LYS B 583 -6.70 4.09 -25.11
CA LYS B 583 -7.61 5.05 -25.76
C LYS B 583 -7.66 4.89 -27.28
N LEU B 584 -6.54 4.48 -27.89
CA LEU B 584 -6.52 4.18 -29.32
C LEU B 584 -7.37 2.95 -29.68
N GLU B 585 -7.71 2.16 -28.66
CA GLU B 585 -8.59 1.00 -28.81
C GLU B 585 -10.07 1.33 -28.55
N GLU B 586 -10.32 2.39 -27.76
CA GLU B 586 -11.65 2.64 -27.20
C GLU B 586 -12.33 3.94 -27.66
N GLU B 587 -11.66 5.08 -27.49
CA GLU B 587 -12.29 6.38 -27.78
C GLU B 587 -11.68 7.11 -28.97
N TYR B 588 -10.41 6.84 -29.26
CA TYR B 588 -9.67 7.55 -30.31
C TYR B 588 -9.63 6.84 -31.67
N ALA B 589 -10.23 5.65 -31.74
CA ALA B 589 -10.24 4.83 -32.96
C ALA B 589 -10.78 5.56 -34.20
N PRO B 590 -11.91 6.29 -34.08
CA PRO B 590 -12.45 6.98 -35.26
C PRO B 590 -11.63 8.22 -35.67
N PHE B 591 -10.79 8.69 -34.76
CA PHE B 591 -10.11 9.98 -34.93
C PHE B 591 -8.64 9.86 -35.34
N ALA B 592 -8.24 8.65 -35.73
CA ALA B 592 -6.90 8.41 -36.26
C ALA B 592 -6.94 7.46 -37.45
N SER B 593 -6.20 7.81 -38.50
CA SER B 593 -6.12 6.98 -39.70
C SER B 593 -5.27 5.73 -39.44
N ASP B 594 -5.30 4.78 -40.39
CA ASP B 594 -4.45 3.59 -40.31
C ASP B 594 -2.97 3.96 -40.12
N ALA B 595 -2.56 5.05 -40.77
CA ALA B 595 -1.17 5.53 -40.74
C ALA B 595 -0.79 6.25 -39.45
N GLU B 596 -1.73 7.01 -38.89
CA GLU B 596 -1.50 7.74 -37.63
C GLU B 596 -1.41 6.75 -36.48
N LYS B 597 -2.27 5.74 -36.51
CA LYS B 597 -2.33 4.72 -35.47
C LYS B 597 -1.01 3.97 -35.33
N THR B 598 -0.49 3.42 -36.44
CA THR B 598 0.69 2.55 -36.41
C THR B 598 2.02 3.28 -36.20
N LYS B 599 2.09 4.54 -36.63
CA LYS B 599 3.23 5.40 -36.32
C LYS B 599 3.29 5.71 -34.82
N LEU B 600 2.13 5.99 -34.21
CA LEU B 600 2.04 6.22 -32.77
C LEU B 600 2.19 4.92 -31.98
N GLN B 601 1.62 3.83 -32.50
CA GLN B 601 1.77 2.51 -31.88
C GLN B 601 3.24 2.12 -31.78
N GLY B 602 3.99 2.33 -32.85
CA GLY B 602 5.42 2.07 -32.90
C GLY B 602 6.23 2.92 -31.93
N MET B 603 5.92 4.22 -31.86
CA MET B 603 6.62 5.13 -30.95
C MET B 603 6.37 4.80 -29.49
N LEU B 604 5.12 4.42 -29.18
CA LEU B 604 4.77 3.87 -27.87
C LEU B 604 5.62 2.64 -27.54
N ASN B 605 5.75 1.72 -28.50
CA ASN B 605 6.62 0.54 -28.36
C ASN B 605 8.08 0.90 -28.10
N LYS B 606 8.64 1.81 -28.90
CA LYS B 606 10.00 2.33 -28.70
C LYS B 606 10.20 3.02 -27.34
N ALA B 607 9.21 3.77 -26.87
CA ALA B 607 9.29 4.42 -25.56
C ALA B 607 9.37 3.41 -24.43
N GLU B 608 8.55 2.36 -24.52
CA GLU B 608 8.54 1.25 -23.58
C GLU B 608 9.90 0.50 -23.55
N GLU B 609 10.47 0.24 -24.71
CA GLU B 609 11.79 -0.38 -24.82
C GLU B 609 12.88 0.48 -24.18
N TRP B 610 12.81 1.78 -24.43
CA TRP B 610 13.76 2.74 -23.85
C TRP B 610 13.69 2.71 -22.32
N LEU B 611 12.48 2.73 -21.75
CA LEU B 611 12.28 2.59 -20.30
C LEU B 611 12.95 1.37 -19.66
N TYR B 612 13.01 0.26 -20.40
CA TYR B 612 13.77 -0.91 -19.98
C TYR B 612 15.29 -0.72 -20.05
N ASP B 613 15.75 0.11 -20.98
CA ASP B 613 17.19 0.24 -21.26
C ASP B 613 17.73 1.57 -20.77
N GLU B 614 17.91 2.55 -21.67
CA GLU B 614 18.49 3.84 -21.29
C GLU B 614 17.58 4.72 -20.47
N GLY B 615 16.27 4.47 -20.55
CA GLY B 615 15.30 5.16 -19.72
C GLY B 615 15.06 4.53 -18.36
N PHE B 616 15.81 3.47 -18.05
CA PHE B 616 15.67 2.80 -16.75
C PHE B 616 15.97 3.75 -15.59
N ASP B 617 17.08 4.46 -15.68
CA ASP B 617 17.53 5.38 -14.65
C ASP B 617 18.13 6.62 -15.33
N SER B 618 17.26 7.44 -15.90
CA SER B 618 17.68 8.57 -16.74
C SER B 618 17.50 9.90 -16.00
N ILE B 619 17.75 11.00 -16.70
CA ILE B 619 17.55 12.33 -16.16
C ILE B 619 16.15 12.85 -16.50
N LYS B 620 15.66 13.74 -15.65
CA LYS B 620 14.34 14.29 -15.74
C LYS B 620 13.97 14.85 -17.11
N ALA B 621 14.91 15.54 -17.76
CA ALA B 621 14.67 16.16 -19.07
C ALA B 621 14.41 15.12 -20.16
N LYS B 622 15.00 13.93 -20.03
CA LYS B 622 14.75 12.89 -21.00
C LYS B 622 13.38 12.24 -20.88
N TYR B 623 12.87 12.10 -19.65
CA TYR B 623 11.50 11.61 -19.41
C TYR B 623 10.47 12.57 -19.94
N ILE B 624 10.74 13.87 -19.75
CA ILE B 624 9.89 14.94 -20.27
C ILE B 624 9.94 14.99 -21.79
N ALA B 625 11.13 14.98 -22.36
CA ALA B 625 11.27 14.96 -23.82
C ALA B 625 10.53 13.77 -24.47
N LYS B 626 10.59 12.59 -23.85
CA LYS B 626 9.97 11.39 -24.43
C LYS B 626 8.47 11.51 -24.43
N TYR B 627 7.93 12.05 -23.33
CA TYR B 627 6.52 12.30 -23.18
C TYR B 627 6.03 13.28 -24.23
N GLU B 628 6.73 14.40 -24.38
CA GLU B 628 6.35 15.44 -25.33
C GLU B 628 6.33 14.95 -26.78
N GLU B 629 7.25 14.04 -27.12
CA GLU B 629 7.30 13.44 -28.44
C GLU B 629 6.03 12.63 -28.72
N LEU B 630 5.61 11.82 -27.74
CA LEU B 630 4.37 11.03 -27.84
C LEU B 630 3.13 11.90 -27.88
N ALA B 631 3.08 12.90 -27.00
CA ALA B 631 1.93 13.80 -26.92
C ALA B 631 1.78 14.70 -28.14
N SER B 632 2.88 15.09 -28.78
CA SER B 632 2.78 15.88 -30.00
C SER B 632 1.92 15.14 -31.04
N LEU B 633 1.97 13.82 -31.00
CA LEU B 633 1.12 12.95 -31.83
C LEU B 633 -0.22 12.63 -31.18
N GLY B 634 -0.20 12.29 -29.90
CA GLY B 634 -1.41 11.97 -29.14
C GLY B 634 -2.38 13.12 -28.97
N ASN B 635 -1.88 14.34 -28.77
CA ASN B 635 -2.73 15.54 -28.59
C ASN B 635 -3.50 15.90 -29.87
N ILE B 636 -2.92 15.59 -31.03
CA ILE B 636 -3.63 15.78 -32.30
C ILE B 636 -4.92 14.95 -32.30
N ILE B 637 -4.79 13.68 -31.90
CA ILE B 637 -5.93 12.77 -31.88
C ILE B 637 -6.97 13.12 -30.78
N ARG B 638 -6.48 13.43 -29.58
CA ARG B 638 -7.34 13.88 -28.48
C ARG B 638 -8.13 15.13 -28.82
N GLY B 639 -7.50 16.06 -29.56
CA GLY B 639 -8.15 17.27 -30.04
C GLY B 639 -9.38 17.01 -30.88
N ARG B 640 -9.25 16.08 -31.84
CA ARG B 640 -10.37 15.65 -32.70
C ARG B 640 -11.48 14.97 -31.90
N TYR B 641 -11.10 14.08 -30.98
CA TYR B 641 -12.07 13.45 -30.09
C TYR B 641 -12.83 14.49 -29.25
N LEU B 642 -12.08 15.45 -28.69
CA LEU B 642 -12.59 16.51 -27.83
C LEU B 642 -13.48 17.51 -28.59
N ALA B 643 -13.26 17.59 -29.90
CA ALA B 643 -14.04 18.48 -30.76
C ALA B 643 -15.41 17.88 -31.05
N LYS B 644 -15.46 16.56 -31.17
CA LYS B 644 -16.73 15.87 -31.39
C LYS B 644 -17.50 15.66 -30.08
N GLU B 645 -16.77 15.57 -28.97
CA GLU B 645 -17.40 15.51 -27.64
C GLU B 645 -18.20 16.77 -27.29
N GLU B 646 -17.77 17.91 -27.81
CA GLU B 646 -18.49 19.18 -27.63
C GLU B 646 -19.74 19.29 -28.51
N GLU B 647 -19.70 18.70 -29.71
CA GLU B 647 -20.86 18.68 -30.61
C GLU B 647 -22.01 17.82 -30.05
N LYS B 648 -21.64 16.75 -29.35
CA LYS B 648 -22.60 15.83 -28.73
C LYS B 648 -23.34 16.49 -27.57
N LYS B 649 -22.62 17.33 -26.83
CA LYS B 649 -23.19 18.13 -25.75
C LYS B 649 -23.97 19.34 -26.30
N GLN B 650 -24.59 19.16 -27.47
CA GLN B 650 -25.33 20.20 -28.17
C GLN B 650 -26.32 19.63 -29.17
N ALA B 651 -25.86 18.74 -30.05
CA ALA B 651 -26.68 18.21 -31.15
C ALA B 651 -27.84 17.32 -30.66
MG MG C . -4.15 -17.02 -23.89
K K D . -5.22 -14.03 -20.94
PG ATP E . -3.01 -19.45 -21.55
O1G ATP E . -4.00 -20.21 -20.70
O2G ATP E . -1.71 -20.16 -21.80
O3G ATP E . -3.64 -18.82 -22.75
PB ATP E . -2.92 -16.69 -20.58
O1B ATP E . -4.02 -16.41 -21.55
O2B ATP E . -3.16 -16.36 -19.14
O3B ATP E . -2.48 -18.24 -20.61
PA ATP E . -1.34 -14.59 -21.74
O1A ATP E . -2.26 -13.67 -20.96
O2A ATP E . -1.40 -14.64 -23.25
O3A ATP E . -1.52 -16.07 -21.11
O5' ATP E . 0.21 -14.25 -21.46
C5' ATP E . 0.67 -14.27 -20.12
C4' ATP E . 2.08 -14.81 -20.12
O4' ATP E . 2.79 -13.98 -21.02
C3' ATP E . 2.79 -14.69 -18.78
O3' ATP E . 3.60 -15.85 -18.57
C2' ATP E . 3.69 -13.50 -18.97
O2' ATP E . 4.85 -13.54 -18.14
C1' ATP E . 4.02 -13.58 -20.45
N9 ATP E . 4.45 -12.24 -20.90
C8 ATP E . 3.67 -11.14 -20.93
N7 ATP E . 4.39 -10.08 -21.36
C5 ATP E . 5.64 -10.52 -21.60
C6 ATP E . 6.91 -9.92 -22.05
N6 ATP E . 6.96 -8.60 -22.36
N1 ATP E . 7.99 -10.73 -22.16
C2 ATP E . 7.96 -12.05 -21.86
N3 ATP E . 6.84 -12.64 -21.44
C4 ATP E . 5.68 -11.94 -21.29
MG MG F . 5.27 14.66 23.46
K K G . 3.77 14.07 19.70
PG ATP H . 7.63 12.23 23.83
O1G ATP H . 8.90 12.69 23.19
O2G ATP H . 7.92 11.22 24.90
O3G ATP H . 6.69 13.34 24.22
PB ATP H . 5.59 11.76 21.78
O1B ATP H . 5.23 13.19 21.95
O2B ATP H . 5.97 11.31 20.39
O3B ATP H . 6.79 11.33 22.76
PA ATP H . 2.79 11.05 22.23
O1A ATP H . 2.35 11.34 20.81
O2A ATP H . 2.29 11.87 23.36
O3A ATP H . 4.40 10.84 22.33
O5' ATP H . 2.31 9.56 22.53
C5' ATP H . 2.71 8.47 21.71
C4' ATP H . 2.79 7.24 22.61
O4' ATP H . 1.50 7.08 23.23
C3' ATP H . 3.07 5.98 21.83
O3' ATP H . 3.92 5.13 22.61
C2' ATP H . 1.70 5.36 21.69
O2' ATP H . 1.77 3.93 21.55
C1' ATP H . 1.02 5.77 23.00
N9 ATP H . -0.44 5.63 22.87
C8 ATP H . -1.28 6.25 22.01
N7 ATP H . -2.56 5.81 22.15
C5 ATP H . -2.54 4.89 23.14
C6 ATP H . -3.51 4.02 23.81
N6 ATP H . -4.81 4.04 23.49
N1 ATP H . -3.05 3.22 24.81
C2 ATP H . -1.77 3.13 25.17
N3 ATP H . -0.85 3.89 24.58
C4 ATP H . -1.15 4.78 23.60
#